data_3UZX
#
_entry.id   3UZX
#
_cell.length_a   50.030
_cell.length_b   109.712
_cell.length_c   129.337
_cell.angle_alpha   90.000
_cell.angle_beta   90.000
_cell.angle_gamma   90.000
#
_symmetry.space_group_name_H-M   'P 21 21 21'
#
loop_
_entity.id
_entity.type
_entity.pdbx_description
1 polymer '3-oxo-5-beta-steroid 4-dehydrogenase'
2 non-polymer 'NADP NICOTINAMIDE-ADENINE-DINUCLEOTIDE PHOSPHATE'
3 non-polymer 5-ALPHA-ANDROSTANE-3-BETA,17BETA-DIOL
4 non-polymer 'CHLORIDE ION'
5 non-polymer (3Beta,5alpha)-3-Hydroxyandrostan-17-one
6 water water
#
_entity_poly.entity_id   1
_entity_poly.type   'polypeptide(L)'
_entity_poly.pdbx_seq_one_letter_code
;MGSSHHHHHHSSGLVPRGSHMDLSAASHRIPLSDGNSIPIIGLGTYSEPKSTPKGACATSVKVAIDTGYRHIDGAYIYQN
EHEVGEAIREKIAEGKVRREDIFYCGKLWATNHVPEMVRPTLERTLRVLQLDYVDLYIIHVPMAFKPGDEIYPRDENGKW
LYHKSNLCATWEAMEACKDAGLVKSLGVSNFNRRQLELILNKPGLKHKPVSNQVECHPYFTQPKLLKFCQQHDIVITAYS
PLGTSRNPIWVNVSSPPLLKDALLNSLGKRYNKTAAQIVLRFNIQRGVVVIPKSFNLERIKENFQIFDFSLTEEEMKDIE
ALNKNVRFVELLMWRDHPEYPFHDEY
;
_entity_poly.pdbx_strand_id   A,B
#
loop_
_chem_comp.id
_chem_comp.type
_chem_comp.name
_chem_comp.formula
AOM non-polymer 5-ALPHA-ANDROSTANE-3-BETA,17BETA-DIOL 'C19 H32 O2'
AOX non-polymer (3Beta,5alpha)-3-Hydroxyandrostan-17-one 'C19 H30 O2'
CL non-polymer 'CHLORIDE ION' 'Cl -1'
NAP non-polymer 'NADP NICOTINAMIDE-ADENINE-DINUCLEOTIDE PHOSPHATE' 'C21 H28 N7 O17 P3'
#
# COMPACT_ATOMS: atom_id res chain seq x y z
N ASP A 22 -25.66 -7.58 -13.91
CA ASP A 22 -24.23 -7.29 -13.82
C ASP A 22 -23.60 -8.03 -12.64
N LEU A 23 -24.41 -8.79 -11.91
CA LEU A 23 -23.94 -9.54 -10.76
C LEU A 23 -24.19 -11.03 -10.93
N SER A 24 -23.13 -11.82 -10.75
CA SER A 24 -23.26 -13.26 -10.81
C SER A 24 -22.52 -13.87 -9.63
N ALA A 25 -22.73 -15.17 -9.41
CA ALA A 25 -22.05 -15.87 -8.33
C ALA A 25 -20.54 -15.81 -8.52
N ALA A 26 -20.10 -15.87 -9.78
CA ALA A 26 -18.67 -15.87 -10.09
C ALA A 26 -18.07 -14.48 -10.09
N SER A 27 -18.89 -13.48 -10.39
CA SER A 27 -18.42 -12.11 -10.50
C SER A 27 -19.44 -11.12 -9.94
N HIS A 28 -19.23 -10.69 -8.70
CA HIS A 28 -20.15 -9.76 -8.06
C HIS A 28 -19.44 -8.70 -7.22
N ARG A 29 -18.32 -8.19 -7.72
CA ARG A 29 -17.64 -7.08 -7.06
C ARG A 29 -18.12 -5.75 -7.60
N ILE A 30 -18.26 -4.76 -6.71
CA ILE A 30 -18.61 -3.41 -7.12
C ILE A 30 -17.50 -2.41 -6.76
N PRO A 31 -17.37 -1.34 -7.55
CA PRO A 31 -16.22 -0.44 -7.42
C PRO A 31 -16.23 0.38 -6.14
N LEU A 32 -15.04 0.56 -5.56
CA LEU A 32 -14.84 1.53 -4.49
C LEU A 32 -14.13 2.75 -5.07
N SER A 33 -14.25 3.89 -4.40
CA SER A 33 -13.77 5.15 -4.96
C SER A 33 -12.24 5.23 -5.07
N ASP A 34 -11.54 4.36 -4.36
CA ASP A 34 -10.08 4.36 -4.38
C ASP A 34 -9.48 3.44 -5.44
N GLY A 35 -10.32 2.91 -6.32
CA GLY A 35 -9.83 2.05 -7.39
C GLY A 35 -9.91 0.58 -7.06
N ASN A 36 -10.21 0.27 -5.80
CA ASN A 36 -10.41 -1.11 -5.40
C ASN A 36 -11.86 -1.51 -5.60
N SER A 37 -12.20 -2.75 -5.25
CA SER A 37 -13.56 -3.23 -5.41
C SER A 37 -13.93 -4.15 -4.25
N ILE A 38 -15.23 -4.28 -4.01
CA ILE A 38 -15.71 -5.06 -2.88
C ILE A 38 -16.80 -6.04 -3.33
N PRO A 39 -16.64 -7.32 -2.97
CA PRO A 39 -17.69 -8.31 -3.28
C PRO A 39 -19.00 -7.92 -2.61
N ILE A 40 -20.08 -7.90 -3.37
CA ILE A 40 -21.33 -7.33 -2.90
C ILE A 40 -22.01 -8.17 -1.81
N ILE A 41 -21.56 -9.41 -1.64
CA ILE A 41 -21.97 -10.19 -0.49
C ILE A 41 -20.75 -10.68 0.26
N GLY A 42 -20.83 -10.68 1.59
CA GLY A 42 -19.78 -11.26 2.41
C GLY A 42 -20.37 -12.04 3.56
N LEU A 43 -19.52 -12.82 4.24
CA LEU A 43 -19.93 -13.55 5.44
C LEU A 43 -19.63 -12.74 6.70
N GLY A 44 -20.67 -12.42 7.46
CA GLY A 44 -20.51 -11.80 8.76
C GLY A 44 -20.00 -12.84 9.75
N THR A 45 -19.22 -12.40 10.73
CA THR A 45 -18.60 -13.35 11.64
C THR A 45 -18.77 -13.02 13.13
N TYR A 46 -19.65 -12.10 13.48
CA TYR A 46 -19.94 -11.94 14.90
C TYR A 46 -20.81 -13.08 15.42
N SER A 47 -20.39 -13.66 16.54
CA SER A 47 -21.13 -14.74 17.19
C SER A 47 -20.86 -14.68 18.69
N GLU A 48 -21.92 -14.77 19.49
CA GLU A 48 -21.80 -14.67 20.94
C GLU A 48 -20.76 -15.66 21.46
N PRO A 49 -19.65 -15.14 22.00
CA PRO A 49 -18.51 -15.94 22.43
C PRO A 49 -18.88 -17.12 23.34
N LYS A 50 -19.90 -16.95 24.17
CA LYS A 50 -20.23 -17.97 25.17
C LYS A 50 -21.01 -19.15 24.58
N SER A 51 -21.90 -18.86 23.63
CA SER A 51 -22.73 -19.91 23.06
C SER A 51 -22.24 -20.34 21.67
N THR A 52 -20.98 -20.05 21.38
CA THR A 52 -20.39 -20.46 20.11
C THR A 52 -19.20 -21.38 20.34
N PRO A 53 -19.28 -22.61 19.79
CA PRO A 53 -18.20 -23.58 19.91
C PRO A 53 -16.92 -23.09 19.27
N LYS A 54 -15.77 -23.35 19.91
CA LYS A 54 -14.50 -23.05 19.29
C LYS A 54 -14.45 -23.74 17.92
N GLY A 55 -13.98 -23.03 16.91
CA GLY A 55 -13.86 -23.60 15.57
C GLY A 55 -15.06 -23.38 14.65
N ALA A 56 -16.18 -22.93 15.21
CA ALA A 56 -17.38 -22.71 14.41
C ALA A 56 -17.13 -21.64 13.35
N CYS A 57 -16.39 -20.60 13.73
CA CYS A 57 -16.10 -19.52 12.80
C CYS A 57 -15.20 -20.00 11.66
N ALA A 58 -14.12 -20.69 12.02
CA ALA A 58 -13.19 -21.20 11.02
C ALA A 58 -13.92 -22.09 10.02
N THR A 59 -14.73 -23.01 10.53
CA THR A 59 -15.47 -23.92 9.68
C THR A 59 -16.38 -23.15 8.74
N SER A 60 -17.07 -22.15 9.28
CA SER A 60 -18.02 -21.37 8.49
C SER A 60 -17.34 -20.56 7.39
N VAL A 61 -16.19 -19.97 7.69
CA VAL A 61 -15.45 -19.22 6.68
C VAL A 61 -14.99 -20.16 5.57
N LYS A 62 -14.55 -21.35 5.93
CA LYS A 62 -14.15 -22.33 4.92
C LYS A 62 -15.32 -22.73 4.02
N VAL A 63 -16.46 -23.04 4.64
CA VAL A 63 -17.67 -23.38 3.89
C VAL A 63 -18.11 -22.22 2.98
N ALA A 64 -18.05 -21.00 3.50
CA ALA A 64 -18.42 -19.84 2.72
C ALA A 64 -17.54 -19.70 1.48
N ILE A 65 -16.23 -19.86 1.65
CA ILE A 65 -15.32 -19.75 0.52
C ILE A 65 -15.61 -20.85 -0.50
N ASP A 66 -15.84 -22.06 -0.02
CA ASP A 66 -16.21 -23.17 -0.90
C ASP A 66 -17.50 -22.85 -1.67
N THR A 67 -18.42 -22.18 -0.99
CA THR A 67 -19.72 -21.85 -1.56
C THR A 67 -19.62 -20.77 -2.64
N GLY A 68 -18.65 -19.88 -2.48
CA GLY A 68 -18.43 -18.82 -3.45
C GLY A 68 -18.24 -17.45 -2.86
N TYR A 69 -18.40 -17.32 -1.55
CA TYR A 69 -18.15 -16.04 -0.88
C TYR A 69 -16.69 -15.67 -1.07
N ARG A 70 -16.42 -14.39 -1.27
CA ARG A 70 -15.05 -13.89 -1.42
C ARG A 70 -14.81 -12.68 -0.53
N HIS A 71 -15.75 -12.43 0.38
CA HIS A 71 -15.70 -11.30 1.29
C HIS A 71 -16.06 -11.84 2.68
N ILE A 72 -15.21 -11.57 3.66
CA ILE A 72 -15.46 -11.95 5.05
C ILE A 72 -15.40 -10.67 5.89
N ASP A 73 -16.40 -10.46 6.73
CA ASP A 73 -16.40 -9.30 7.61
C ASP A 73 -16.13 -9.75 9.04
N GLY A 74 -15.13 -9.16 9.67
CA GLY A 74 -14.74 -9.55 11.02
C GLY A 74 -14.30 -8.38 11.88
N ALA A 75 -13.79 -8.71 13.07
CA ALA A 75 -13.28 -7.70 13.97
C ALA A 75 -12.53 -8.38 15.11
N TYR A 76 -11.43 -7.78 15.53
CA TYR A 76 -10.65 -8.35 16.61
C TYR A 76 -11.51 -8.60 17.84
N ILE A 77 -12.40 -7.66 18.15
CA ILE A 77 -13.19 -7.77 19.37
C ILE A 77 -14.25 -8.87 19.30
N TYR A 78 -14.43 -9.47 18.12
CA TYR A 78 -15.33 -10.62 17.99
C TYR A 78 -14.69 -11.88 18.58
N GLN A 79 -13.40 -11.78 18.90
CA GLN A 79 -12.64 -12.81 19.60
C GLN A 79 -12.30 -14.04 18.76
N ASN A 80 -12.59 -13.96 17.47
CA ASN A 80 -12.40 -15.11 16.58
C ASN A 80 -11.59 -14.77 15.33
N GLU A 81 -10.90 -13.65 15.36
CA GLU A 81 -10.12 -13.26 14.19
C GLU A 81 -9.06 -14.30 13.85
N HIS A 82 -8.55 -15.00 14.85
CA HIS A 82 -7.56 -16.02 14.57
C HIS A 82 -8.20 -17.17 13.78
N GLU A 83 -9.46 -17.46 14.07
CA GLU A 83 -10.19 -18.46 13.27
C GLU A 83 -10.40 -18.00 11.83
N VAL A 84 -10.74 -16.72 11.65
CA VAL A 84 -10.92 -16.19 10.30
C VAL A 84 -9.63 -16.36 9.49
N GLY A 85 -8.51 -15.97 10.08
CA GLY A 85 -7.22 -16.10 9.43
C GLY A 85 -6.88 -17.54 9.09
N GLU A 86 -7.12 -18.44 10.05
CA GLU A 86 -6.86 -19.86 9.85
CA GLU A 86 -6.88 -19.87 9.87
C GLU A 86 -7.59 -20.35 8.61
N ALA A 87 -8.86 -20.00 8.52
CA ALA A 87 -9.68 -20.44 7.40
C ALA A 87 -9.22 -19.85 6.06
N ILE A 88 -8.97 -18.55 6.04
CA ILE A 88 -8.53 -17.89 4.82
C ILE A 88 -7.20 -18.49 4.35
N ARG A 89 -6.25 -18.62 5.28
CA ARG A 89 -4.93 -19.16 4.94
C ARG A 89 -5.00 -20.58 4.42
N GLU A 90 -5.89 -21.39 5.00
CA GLU A 90 -6.03 -22.76 4.54
C GLU A 90 -6.53 -22.82 3.10
N LYS A 91 -7.53 -22.00 2.81
CA LYS A 91 -8.08 -21.99 1.45
C LYS A 91 -7.07 -21.45 0.43
N ILE A 92 -6.21 -20.53 0.86
CA ILE A 92 -5.16 -20.03 -0.01
C ILE A 92 -4.13 -21.13 -0.25
N ALA A 93 -3.71 -21.78 0.83
CA ALA A 93 -2.67 -22.81 0.73
C ALA A 93 -3.07 -23.97 -0.18
N GLU A 94 -4.35 -24.33 -0.18
CA GLU A 94 -4.79 -25.45 -1.00
C GLU A 94 -5.11 -25.06 -2.44
N GLY A 95 -5.06 -23.76 -2.73
CA GLY A 95 -5.27 -23.28 -4.09
C GLY A 95 -6.72 -22.99 -4.46
N LYS A 96 -7.59 -22.91 -3.46
CA LYS A 96 -9.00 -22.58 -3.70
C LYS A 96 -9.13 -21.13 -4.14
N VAL A 97 -8.34 -20.26 -3.51
CA VAL A 97 -8.33 -18.85 -3.84
C VAL A 97 -6.90 -18.31 -3.72
N ARG A 98 -6.63 -17.20 -4.39
CA ARG A 98 -5.41 -16.43 -4.17
C ARG A 98 -5.74 -15.39 -3.11
N ARG A 99 -4.72 -14.87 -2.45
CA ARG A 99 -4.94 -13.79 -1.49
C ARG A 99 -5.71 -12.62 -2.12
N GLU A 100 -5.37 -12.26 -3.35
CA GLU A 100 -6.03 -11.13 -4.02
C GLU A 100 -7.52 -11.38 -4.30
N ASP A 101 -7.94 -12.64 -4.22
CA ASP A 101 -9.34 -13.01 -4.49
C ASP A 101 -10.23 -12.83 -3.27
N ILE A 102 -9.63 -12.66 -2.10
CA ILE A 102 -10.36 -12.62 -0.85
C ILE A 102 -10.36 -11.20 -0.33
N PHE A 103 -11.51 -10.76 0.18
CA PHE A 103 -11.66 -9.41 0.71
C PHE A 103 -11.99 -9.53 2.19
N TYR A 104 -11.07 -9.11 3.04
CA TYR A 104 -11.31 -9.14 4.48
C TYR A 104 -11.44 -7.72 5.05
N CYS A 105 -12.54 -7.48 5.77
CA CYS A 105 -12.75 -6.22 6.47
C CYS A 105 -12.57 -6.43 7.97
N GLY A 106 -11.69 -5.62 8.57
CA GLY A 106 -11.49 -5.59 10.01
C GLY A 106 -11.89 -4.24 10.55
N LYS A 107 -11.93 -4.09 11.87
CA LYS A 107 -12.46 -2.88 12.48
C LYS A 107 -11.66 -2.42 13.69
N LEU A 108 -11.50 -1.11 13.81
CA LEU A 108 -10.83 -0.48 14.93
C LEU A 108 -11.85 -0.13 16.01
N TRP A 109 -11.72 -0.73 17.19
CA TRP A 109 -12.73 -0.53 18.22
C TRP A 109 -12.55 0.80 18.95
N ALA A 110 -13.59 1.18 19.69
CA ALA A 110 -13.68 2.47 20.38
C ALA A 110 -12.58 2.73 21.40
N THR A 111 -11.99 1.66 21.94
CA THR A 111 -10.95 1.81 22.95
C THR A 111 -9.57 2.01 22.32
N ASN A 112 -9.54 2.09 20.99
CA ASN A 112 -8.30 2.17 20.25
C ASN A 112 -8.27 3.37 19.28
N HIS A 113 -8.92 4.46 19.65
CA HIS A 113 -9.05 5.61 18.77
C HIS A 113 -7.91 6.62 18.92
N VAL A 114 -7.15 6.49 20.01
CA VAL A 114 -5.99 7.35 20.20
C VAL A 114 -5.08 7.13 19.01
N PRO A 115 -4.75 8.21 18.28
CA PRO A 115 -4.00 8.09 17.03
C PRO A 115 -2.78 7.18 17.11
N GLU A 116 -2.00 7.30 18.19
CA GLU A 116 -0.80 6.48 18.37
C GLU A 116 -1.11 4.99 18.48
N MET A 117 -2.36 4.65 18.81
CA MET A 117 -2.77 3.26 18.98
C MET A 117 -3.27 2.62 17.69
N VAL A 118 -3.60 3.45 16.70
CA VAL A 118 -4.23 2.95 15.47
C VAL A 118 -3.36 1.93 14.73
N ARG A 119 -2.13 2.28 14.41
CA ARG A 119 -1.28 1.32 13.70
C ARG A 119 -0.96 0.05 14.52
N PRO A 120 -0.60 0.20 15.80
CA PRO A 120 -0.37 -1.01 16.58
C PRO A 120 -1.62 -1.91 16.65
N THR A 121 -2.80 -1.30 16.63
CA THR A 121 -4.04 -2.08 16.67
C THR A 121 -4.24 -2.85 15.37
N LEU A 122 -3.99 -2.19 14.24
CA LEU A 122 -4.08 -2.89 12.96
C LEU A 122 -3.02 -3.99 12.89
N GLU A 123 -1.81 -3.69 13.33
CA GLU A 123 -0.73 -4.68 13.28
C GLU A 123 -1.07 -5.92 14.11
N ARG A 124 -1.77 -5.71 15.23
CA ARG A 124 -2.22 -6.85 16.04
C ARG A 124 -3.15 -7.73 15.21
N THR A 125 -4.10 -7.09 14.53
CA THR A 125 -5.03 -7.84 13.68
C THR A 125 -4.29 -8.59 12.55
N LEU A 126 -3.31 -7.94 11.93
CA LEU A 126 -2.53 -8.61 10.89
C LEU A 126 -1.80 -9.82 11.45
N ARG A 127 -1.28 -9.68 12.67
CA ARG A 127 -0.53 -10.78 13.28
C ARG A 127 -1.46 -11.90 13.69
N VAL A 128 -2.67 -11.54 14.11
CA VAL A 128 -3.67 -12.53 14.49
C VAL A 128 -4.17 -13.30 13.27
N LEU A 129 -4.38 -12.59 12.16
CA LEU A 129 -4.78 -13.22 10.91
C LEU A 129 -3.62 -13.95 10.26
N GLN A 130 -2.40 -13.56 10.62
CA GLN A 130 -1.18 -13.96 9.92
C GLN A 130 -1.26 -13.61 8.43
N LEU A 131 -1.71 -12.39 8.16
CA LEU A 131 -1.76 -11.85 6.80
C LEU A 131 -0.97 -10.54 6.74
N ASP A 132 -0.62 -10.11 5.53
CA ASP A 132 0.25 -8.94 5.33
C ASP A 132 -0.53 -7.64 5.26
N TYR A 133 -1.81 -7.74 4.91
CA TYR A 133 -2.67 -6.58 4.83
C TYR A 133 -4.11 -7.02 5.00
N VAL A 134 -4.99 -6.07 5.31
CA VAL A 134 -6.42 -6.31 5.20
C VAL A 134 -6.96 -5.49 4.05
N ASP A 135 -8.09 -5.91 3.49
CA ASP A 135 -8.62 -5.23 2.33
C ASP A 135 -9.36 -3.94 2.70
N LEU A 136 -10.01 -3.96 3.87
CA LEU A 136 -10.76 -2.82 4.35
C LEU A 136 -10.58 -2.73 5.86
N TYR A 137 -10.25 -1.55 6.36
CA TYR A 137 -10.16 -1.36 7.79
C TYR A 137 -11.02 -0.16 8.12
N ILE A 138 -11.93 -0.32 9.07
CA ILE A 138 -12.90 0.73 9.36
C ILE A 138 -12.97 1.11 10.84
N ILE A 139 -13.24 2.39 11.11
CA ILE A 139 -13.54 2.79 12.47
C ILE A 139 -14.90 2.21 12.84
N HIS A 140 -14.92 1.37 13.88
CA HIS A 140 -16.07 0.53 14.21
C HIS A 140 -17.27 1.36 14.67
N VAL A 141 -16.99 2.36 15.51
CA VAL A 141 -18.00 3.33 15.93
C VAL A 141 -17.33 4.69 16.04
N PRO A 142 -18.10 5.77 15.88
CA PRO A 142 -17.49 7.10 16.02
C PRO A 142 -17.19 7.47 17.47
N MET A 143 -17.66 6.66 18.42
CA MET A 143 -17.45 6.94 19.83
C MET A 143 -16.12 6.38 20.33
N ALA A 144 -15.41 7.16 21.15
CA ALA A 144 -14.19 6.69 21.78
C ALA A 144 -14.43 6.31 23.23
N PHE A 145 -13.91 5.16 23.64
CA PHE A 145 -13.97 4.74 25.04
C PHE A 145 -12.58 4.77 25.65
N LYS A 146 -12.50 4.70 26.98
CA LYS A 146 -11.23 4.68 27.68
C LYS A 146 -10.35 3.50 27.24
N PRO A 147 -9.12 3.79 26.81
CA PRO A 147 -8.15 2.75 26.41
C PRO A 147 -7.77 1.85 27.57
N GLY A 148 -7.56 0.57 27.28
CA GLY A 148 -7.19 -0.40 28.30
C GLY A 148 -7.54 -1.83 27.92
N ASP A 149 -7.37 -2.74 28.86
CA ASP A 149 -7.57 -4.16 28.60
C ASP A 149 -9.05 -4.52 28.55
N GLU A 150 -9.92 -3.52 28.65
CA GLU A 150 -11.35 -3.77 28.62
C GLU A 150 -12.03 -3.14 27.40
N ILE A 151 -12.84 -3.94 26.72
CA ILE A 151 -13.54 -3.50 25.52
C ILE A 151 -14.70 -2.56 25.81
N TYR A 152 -15.38 -2.79 26.93
CA TYR A 152 -16.50 -1.96 27.33
C TYR A 152 -16.25 -1.36 28.72
N PRO A 153 -15.47 -0.27 28.78
CA PRO A 153 -15.02 0.35 30.03
C PRO A 153 -16.11 1.10 30.78
N ARG A 154 -16.39 0.65 32.00
CA ARG A 154 -17.35 1.32 32.88
C ARG A 154 -16.81 1.32 34.30
N ASP A 155 -17.19 2.34 35.07
CA ASP A 155 -16.80 2.39 36.49
C ASP A 155 -17.72 1.51 37.32
N GLU A 156 -17.42 1.39 38.60
CA GLU A 156 -18.22 0.57 39.51
C GLU A 156 -19.70 0.94 39.49
N ASN A 157 -19.98 2.20 39.16
CA ASN A 157 -21.36 2.68 39.09
C ASN A 157 -22.06 2.27 37.79
N GLY A 158 -21.26 1.81 36.82
CA GLY A 158 -21.78 1.39 35.54
C GLY A 158 -21.78 2.51 34.51
N LYS A 159 -21.16 3.63 34.87
CA LYS A 159 -21.05 4.77 33.97
C LYS A 159 -20.09 4.43 32.83
N TRP A 160 -20.54 4.58 31.60
CA TRP A 160 -19.70 4.33 30.45
C TRP A 160 -18.59 5.38 30.37
N LEU A 161 -17.35 4.93 30.54
CA LEU A 161 -16.20 5.82 30.55
C LEU A 161 -15.85 6.31 29.16
N TYR A 162 -16.33 7.50 28.82
CA TYR A 162 -16.13 8.07 27.49
C TYR A 162 -14.82 8.83 27.35
N HIS A 163 -14.12 8.57 26.25
CA HIS A 163 -12.90 9.30 25.92
C HIS A 163 -13.28 10.42 24.95
N LYS A 164 -12.60 11.57 25.06
CA LYS A 164 -12.85 12.69 24.20
C LYS A 164 -12.48 12.37 22.75
N SER A 165 -13.45 11.90 21.98
CA SER A 165 -13.22 11.53 20.58
C SER A 165 -12.61 12.68 19.78
N ASN A 166 -11.65 12.34 18.92
CA ASN A 166 -11.11 13.27 17.95
C ASN A 166 -11.01 12.56 16.60
N LEU A 167 -12.13 12.51 15.89
CA LEU A 167 -12.26 11.64 14.73
C LEU A 167 -11.25 11.93 13.60
N CYS A 168 -10.99 13.20 13.33
CA CYS A 168 -10.05 13.55 12.27
C CYS A 168 -8.63 13.07 12.57
N ALA A 169 -8.21 13.21 13.82
CA ALA A 169 -6.88 12.75 14.21
C ALA A 169 -6.80 11.23 14.13
N THR A 170 -7.89 10.56 14.49
CA THR A 170 -7.94 9.11 14.37
C THR A 170 -7.84 8.72 12.90
N TRP A 171 -8.58 9.45 12.06
CA TRP A 171 -8.58 9.19 10.63
C TRP A 171 -7.19 9.37 10.02
N GLU A 172 -6.46 10.38 10.49
CA GLU A 172 -5.11 10.61 9.99
C GLU A 172 -4.23 9.40 10.24
N ALA A 173 -4.38 8.79 11.41
CA ALA A 173 -3.60 7.60 11.74
C ALA A 173 -4.03 6.43 10.86
N MET A 174 -5.33 6.38 10.54
CA MET A 174 -5.81 5.36 9.60
C MET A 174 -5.15 5.56 8.24
N GLU A 175 -5.09 6.81 7.79
CA GLU A 175 -4.48 7.13 6.52
C GLU A 175 -3.03 6.65 6.46
N ALA A 176 -2.31 6.81 7.56
CA ALA A 176 -0.92 6.38 7.61
C ALA A 176 -0.82 4.86 7.41
N CYS A 177 -1.83 4.13 7.86
CA CYS A 177 -1.82 2.67 7.70
C CYS A 177 -1.93 2.29 6.23
N LYS A 178 -2.76 3.00 5.48
CA LYS A 178 -2.87 2.73 4.06
CA LYS A 178 -2.88 2.73 4.05
C LYS A 178 -1.58 3.11 3.34
N ASP A 179 -1.00 4.25 3.72
CA ASP A 179 0.26 4.71 3.13
C ASP A 179 1.37 3.68 3.30
N ALA A 180 1.31 2.93 4.40
CA ALA A 180 2.31 1.92 4.72
C ALA A 180 2.05 0.59 4.02
N GLY A 181 0.89 0.48 3.37
CA GLY A 181 0.52 -0.72 2.64
C GLY A 181 -0.15 -1.79 3.47
N LEU A 182 -0.53 -1.46 4.71
CA LEU A 182 -1.10 -2.45 5.64
C LEU A 182 -2.58 -2.69 5.38
N VAL A 183 -3.19 -1.84 4.57
CA VAL A 183 -4.63 -1.91 4.31
C VAL A 183 -4.89 -1.26 2.96
N LYS A 184 -5.72 -1.90 2.14
CA LYS A 184 -6.02 -1.38 0.82
C LYS A 184 -7.01 -0.22 0.84
N SER A 185 -8.07 -0.36 1.61
CA SER A 185 -9.14 0.63 1.64
C SER A 185 -9.53 1.02 3.06
N LEU A 186 -9.93 2.28 3.23
CA LEU A 186 -10.33 2.80 4.53
C LEU A 186 -11.81 3.15 4.54
N GLY A 187 -12.45 2.86 5.66
CA GLY A 187 -13.85 3.22 5.83
C GLY A 187 -14.24 3.46 7.26
N VAL A 188 -15.55 3.55 7.48
CA VAL A 188 -16.08 3.81 8.80
C VAL A 188 -17.33 2.97 8.97
N SER A 189 -17.86 3.00 10.18
CA SER A 189 -19.06 2.25 10.52
C SER A 189 -19.87 3.01 11.58
N ASN A 190 -21.18 3.02 11.40
CA ASN A 190 -22.07 3.70 12.33
C ASN A 190 -21.81 5.21 12.35
N PHE A 191 -21.36 5.75 11.23
CA PHE A 191 -21.17 7.20 11.08
C PHE A 191 -22.42 7.84 10.49
N ASN A 192 -22.85 8.96 11.05
CA ASN A 192 -23.94 9.72 10.43
C ASN A 192 -23.41 10.76 9.45
N ARG A 193 -24.33 11.49 8.82
CA ARG A 193 -23.96 12.47 7.81
C ARG A 193 -22.96 13.50 8.33
N ARG A 194 -23.23 14.02 9.53
CA ARG A 194 -22.35 15.01 10.13
C ARG A 194 -20.94 14.47 10.29
N GLN A 195 -20.85 13.27 10.84
CA GLN A 195 -19.57 12.63 11.11
C GLN A 195 -18.80 12.30 9.83
N LEU A 196 -19.53 11.88 8.80
CA LEU A 196 -18.93 11.69 7.48
C LEU A 196 -18.39 13.00 6.93
N GLU A 197 -19.12 14.09 7.19
CA GLU A 197 -18.70 15.41 6.73
C GLU A 197 -17.43 15.87 7.42
N LEU A 198 -17.30 15.53 8.70
CA LEU A 198 -16.12 15.90 9.47
C LEU A 198 -14.87 15.38 8.76
N ILE A 199 -14.93 14.12 8.32
CA ILE A 199 -13.83 13.50 7.60
C ILE A 199 -13.67 14.06 6.19
N LEU A 200 -14.78 14.11 5.46
CA LEU A 200 -14.75 14.57 4.07
C LEU A 200 -14.27 16.02 3.93
N ASN A 201 -14.56 16.82 4.95
CA ASN A 201 -14.14 18.22 4.95
C ASN A 201 -12.84 18.44 5.72
N LYS A 202 -12.11 17.37 5.96
CA LYS A 202 -10.87 17.45 6.74
C LYS A 202 -9.78 18.21 5.99
N PRO A 203 -9.14 19.17 6.67
CA PRO A 203 -7.99 19.86 6.09
C PRO A 203 -6.91 18.86 5.68
N GLY A 204 -6.55 18.84 4.40
CA GLY A 204 -5.48 18.00 3.93
C GLY A 204 -5.85 16.53 3.90
N LEU A 205 -7.13 16.25 3.66
CA LEU A 205 -7.59 14.86 3.56
C LEU A 205 -6.84 14.14 2.43
N LYS A 206 -6.31 12.96 2.74
CA LYS A 206 -5.56 12.19 1.76
C LYS A 206 -6.34 11.01 1.20
N HIS A 207 -7.06 10.32 2.07
CA HIS A 207 -7.87 9.18 1.65
C HIS A 207 -9.28 9.30 2.18
N LYS A 208 -10.24 9.55 1.30
CA LYS A 208 -11.63 9.64 1.73
C LYS A 208 -12.16 8.25 2.10
N PRO A 209 -13.12 8.20 3.04
CA PRO A 209 -13.76 6.93 3.38
C PRO A 209 -14.43 6.37 2.14
N VAL A 210 -14.25 5.09 1.87
CA VAL A 210 -14.85 4.47 0.69
C VAL A 210 -16.11 3.71 1.04
N SER A 211 -16.34 3.53 2.34
CA SER A 211 -17.38 2.64 2.82
C SER A 211 -17.91 3.08 4.19
N ASN A 212 -19.23 2.96 4.38
CA ASN A 212 -19.83 3.16 5.68
C ASN A 212 -20.69 1.94 5.99
N GLN A 213 -20.33 1.23 7.05
CA GLN A 213 -21.05 0.02 7.45
C GLN A 213 -22.10 0.37 8.49
N VAL A 214 -23.37 0.22 8.12
CA VAL A 214 -24.46 0.56 9.01
C VAL A 214 -25.58 -0.46 8.89
N GLU A 215 -26.45 -0.52 9.90
CA GLU A 215 -27.61 -1.38 9.85
C GLU A 215 -28.45 -1.04 8.62
N CYS A 216 -28.83 -2.05 7.83
CA CYS A 216 -29.64 -1.79 6.65
C CYS A 216 -30.38 -3.04 6.16
N HIS A 217 -31.67 -2.86 5.91
CA HIS A 217 -32.58 -3.93 5.53
C HIS A 217 -33.97 -3.35 5.29
N PRO A 218 -34.95 -4.16 4.86
CA PRO A 218 -36.24 -3.59 4.48
C PRO A 218 -36.96 -2.77 5.56
N TYR A 219 -36.72 -3.05 6.84
CA TYR A 219 -37.34 -2.26 7.90
C TYR A 219 -36.57 -0.98 8.19
N PHE A 220 -35.36 -0.87 7.64
CA PHE A 220 -34.53 0.33 7.83
C PHE A 220 -33.64 0.50 6.62
N THR A 221 -34.20 1.06 5.55
CA THR A 221 -33.56 1.08 4.25
C THR A 221 -32.56 2.22 4.08
N GLN A 222 -32.40 3.02 5.13
CA GLN A 222 -31.39 4.08 5.13
C GLN A 222 -31.50 5.00 3.93
N PRO A 223 -32.71 5.51 3.65
CA PRO A 223 -32.92 6.31 2.44
C PRO A 223 -32.03 7.53 2.36
N LYS A 224 -32.00 8.32 3.43
CA LYS A 224 -31.27 9.58 3.42
C LYS A 224 -29.76 9.38 3.51
N LEU A 225 -29.33 8.44 4.33
CA LEU A 225 -27.90 8.14 4.44
C LEU A 225 -27.37 7.53 3.15
N LEU A 226 -28.16 6.66 2.52
CA LEU A 226 -27.74 6.05 1.25
C LEU A 226 -27.60 7.10 0.16
N LYS A 227 -28.55 8.03 0.11
CA LYS A 227 -28.49 9.10 -0.87
C LYS A 227 -27.24 9.93 -0.65
N PHE A 228 -26.97 10.29 0.60
CA PHE A 228 -25.80 11.08 0.94
C PHE A 228 -24.51 10.37 0.56
N CYS A 229 -24.40 9.09 0.93
CA CYS A 229 -23.21 8.32 0.60
C CYS A 229 -23.03 8.20 -0.90
N GLN A 230 -24.12 7.93 -1.62
CA GLN A 230 -24.04 7.81 -3.07
C GLN A 230 -23.51 9.09 -3.72
N GLN A 231 -23.89 10.23 -3.15
CA GLN A 231 -23.48 11.51 -3.69
C GLN A 231 -21.99 11.76 -3.47
N HIS A 232 -21.41 11.03 -2.51
CA HIS A 232 -19.99 11.17 -2.19
C HIS A 232 -19.20 9.94 -2.57
N ASP A 233 -19.79 9.09 -3.42
CA ASP A 233 -19.12 7.88 -3.87
CA ASP A 233 -19.13 7.88 -3.88
C ASP A 233 -18.66 7.02 -2.70
N ILE A 234 -19.52 6.90 -1.69
CA ILE A 234 -19.27 6.03 -0.55
C ILE A 234 -20.26 4.89 -0.63
N VAL A 235 -19.76 3.66 -0.56
CA VAL A 235 -20.63 2.49 -0.63
C VAL A 235 -21.10 2.11 0.75
N ILE A 236 -22.40 1.86 0.90
CA ILE A 236 -22.95 1.37 2.15
C ILE A 236 -22.81 -0.14 2.25
N THR A 237 -22.29 -0.61 3.39
CA THR A 237 -22.34 -2.03 3.71
C THR A 237 -23.42 -2.21 4.75
N ALA A 238 -24.38 -3.07 4.45
CA ALA A 238 -25.49 -3.33 5.34
C ALA A 238 -25.11 -4.39 6.36
N TYR A 239 -24.85 -3.98 7.60
CA TYR A 239 -24.70 -4.97 8.64
C TYR A 239 -26.09 -5.37 9.14
N SER A 240 -26.17 -6.50 9.83
CA SER A 240 -27.45 -7.08 10.24
C SER A 240 -28.47 -7.06 9.11
N PRO A 241 -28.06 -7.50 7.90
CA PRO A 241 -28.94 -7.40 6.73
C PRO A 241 -30.15 -8.33 6.83
N LEU A 242 -30.12 -9.27 7.75
CA LEU A 242 -31.26 -10.18 7.97
C LEU A 242 -32.02 -9.80 9.23
N GLY A 243 -31.73 -8.63 9.78
CA GLY A 243 -32.46 -8.14 10.94
C GLY A 243 -31.94 -8.59 12.29
N THR A 244 -30.69 -9.07 12.33
CA THR A 244 -30.01 -9.52 13.55
C THR A 244 -30.49 -10.86 14.10
N SER A 245 -29.72 -11.39 15.05
CA SER A 245 -30.06 -12.60 15.76
C SER A 245 -31.10 -12.34 16.85
N ARG A 246 -31.50 -11.07 16.98
CA ARG A 246 -32.53 -10.68 17.96
C ARG A 246 -32.21 -11.07 19.40
N ASN A 247 -30.94 -10.95 19.77
CA ASN A 247 -30.54 -11.13 21.17
C ASN A 247 -30.97 -9.89 21.97
N PRO A 248 -31.88 -10.08 22.95
CA PRO A 248 -32.47 -8.96 23.68
C PRO A 248 -31.43 -8.26 24.56
N ILE A 249 -30.43 -9.02 24.99
CA ILE A 249 -29.36 -8.49 25.82
C ILE A 249 -28.75 -7.22 25.22
N TRP A 250 -28.83 -7.08 23.90
CA TRP A 250 -28.31 -5.89 23.24
C TRP A 250 -29.13 -5.44 22.03
N VAL A 251 -30.05 -6.28 21.57
CA VAL A 251 -30.87 -5.92 20.42
C VAL A 251 -32.27 -5.47 20.81
N ASN A 252 -32.78 -4.46 20.10
CA ASN A 252 -34.13 -3.97 20.30
C ASN A 252 -35.16 -4.92 19.68
N VAL A 253 -35.79 -5.74 20.52
CA VAL A 253 -36.71 -6.76 20.04
C VAL A 253 -38.17 -6.31 20.02
N SER A 254 -38.37 -5.00 19.99
CA SER A 254 -39.72 -4.44 19.95
C SER A 254 -40.41 -4.74 18.61
N SER A 255 -39.68 -4.55 17.52
CA SER A 255 -40.22 -4.81 16.19
C SER A 255 -40.32 -6.32 15.94
N PRO A 256 -41.36 -6.75 15.23
CA PRO A 256 -41.49 -8.18 14.89
C PRO A 256 -40.30 -8.65 14.05
N PRO A 257 -40.00 -9.95 14.09
CA PRO A 257 -38.87 -10.53 13.35
C PRO A 257 -38.95 -10.24 11.86
N LEU A 258 -37.87 -9.69 11.29
CA LEU A 258 -37.84 -9.28 9.90
C LEU A 258 -38.22 -10.40 8.93
N LEU A 259 -37.70 -11.60 9.18
CA LEU A 259 -37.86 -12.70 8.23
C LEU A 259 -39.25 -13.31 8.28
N LYS A 260 -40.11 -12.76 9.14
CA LYS A 260 -41.50 -13.22 9.21
C LYS A 260 -42.46 -12.29 8.47
N ASP A 261 -41.91 -11.21 7.90
CA ASP A 261 -42.73 -10.24 7.19
C ASP A 261 -43.60 -10.88 6.12
N ALA A 262 -44.86 -10.46 6.06
CA ALA A 262 -45.82 -11.02 5.11
C ALA A 262 -45.40 -10.83 3.66
N LEU A 263 -44.99 -9.62 3.30
CA LEU A 263 -44.59 -9.32 1.94
C LEU A 263 -43.33 -10.09 1.55
N LEU A 264 -42.35 -10.10 2.44
CA LEU A 264 -41.10 -10.79 2.15
C LEU A 264 -41.33 -12.28 1.92
N ASN A 265 -42.18 -12.89 2.76
CA ASN A 265 -42.49 -14.30 2.61
C ASN A 265 -43.34 -14.57 1.37
N SER A 266 -44.28 -13.67 1.08
CA SER A 266 -45.09 -13.78 -0.12
C SER A 266 -44.24 -13.72 -1.38
N LEU A 267 -43.29 -12.79 -1.42
CA LEU A 267 -42.40 -12.66 -2.56
C LEU A 267 -41.51 -13.89 -2.64
N GLY A 268 -41.14 -14.41 -1.48
CA GLY A 268 -40.37 -15.64 -1.40
C GLY A 268 -41.08 -16.78 -2.11
N LYS A 269 -42.39 -16.92 -1.88
CA LYS A 269 -43.15 -17.97 -2.55
C LYS A 269 -43.12 -17.80 -4.07
N ARG A 270 -43.26 -16.55 -4.52
CA ARG A 270 -43.26 -16.26 -5.95
CA ARG A 270 -43.26 -16.26 -5.95
C ARG A 270 -41.99 -16.78 -6.64
N TYR A 271 -40.84 -16.53 -6.02
CA TYR A 271 -39.55 -16.92 -6.60
C TYR A 271 -38.98 -18.24 -6.08
N ASN A 272 -39.75 -18.92 -5.23
CA ASN A 272 -39.28 -20.11 -4.52
C ASN A 272 -37.98 -19.82 -3.78
N LYS A 273 -37.97 -18.69 -3.09
CA LYS A 273 -36.84 -18.25 -2.29
C LYS A 273 -37.34 -17.95 -0.88
N THR A 274 -36.43 -17.96 0.09
CA THR A 274 -36.81 -17.66 1.46
C THR A 274 -36.86 -16.16 1.64
N ALA A 275 -37.50 -15.71 2.71
CA ALA A 275 -37.55 -14.29 3.04
C ALA A 275 -36.13 -13.73 3.13
N ALA A 276 -35.24 -14.49 3.78
CA ALA A 276 -33.83 -14.09 3.86
C ALA A 276 -33.23 -13.80 2.49
N GLN A 277 -33.51 -14.67 1.53
CA GLN A 277 -32.96 -14.48 0.19
C GLN A 277 -33.54 -13.26 -0.50
N ILE A 278 -34.82 -12.99 -0.24
CA ILE A 278 -35.48 -11.82 -0.79
C ILE A 278 -34.84 -10.54 -0.23
N VAL A 279 -34.62 -10.54 1.08
CA VAL A 279 -34.06 -9.39 1.78
C VAL A 279 -32.64 -9.08 1.30
N LEU A 280 -31.84 -10.13 1.09
CA LEU A 280 -30.48 -9.94 0.60
C LEU A 280 -30.48 -9.47 -0.85
N ARG A 281 -31.32 -10.07 -1.67
CA ARG A 281 -31.43 -9.64 -3.05
C ARG A 281 -31.83 -8.17 -3.12
N PHE A 282 -32.75 -7.75 -2.26
CA PHE A 282 -33.22 -6.37 -2.24
C PHE A 282 -32.06 -5.38 -2.13
N ASN A 283 -31.21 -5.58 -1.12
CA ASN A 283 -30.11 -4.65 -0.89
C ASN A 283 -29.02 -4.71 -1.96
N ILE A 284 -28.63 -5.89 -2.40
CA ILE A 284 -27.60 -5.96 -3.43
C ILE A 284 -28.11 -5.41 -4.77
N GLN A 285 -29.41 -5.54 -5.02
CA GLN A 285 -29.96 -5.06 -6.28
C GLN A 285 -29.84 -3.55 -6.38
N ARG A 286 -29.78 -2.90 -5.22
CA ARG A 286 -29.67 -1.44 -5.20
C ARG A 286 -28.26 -0.94 -4.85
N GLY A 287 -27.27 -1.82 -5.00
CA GLY A 287 -25.87 -1.44 -4.84
C GLY A 287 -25.37 -1.40 -3.42
N VAL A 288 -26.12 -2.02 -2.50
CA VAL A 288 -25.73 -2.09 -1.11
C VAL A 288 -25.09 -3.45 -0.80
N VAL A 289 -23.89 -3.42 -0.25
CA VAL A 289 -23.20 -4.66 0.11
C VAL A 289 -23.90 -5.28 1.30
N VAL A 290 -24.02 -6.61 1.32
CA VAL A 290 -24.66 -7.29 2.44
C VAL A 290 -23.70 -8.30 3.08
N ILE A 291 -23.69 -8.34 4.40
CA ILE A 291 -22.78 -9.25 5.12
C ILE A 291 -23.52 -10.15 6.11
N PRO A 292 -24.47 -10.94 5.61
CA PRO A 292 -25.23 -11.79 6.53
C PRO A 292 -24.31 -12.75 7.25
N LYS A 293 -24.56 -12.97 8.53
CA LYS A 293 -23.84 -13.97 9.30
C LYS A 293 -24.64 -15.25 9.40
N SER A 294 -24.00 -16.36 9.04
CA SER A 294 -24.51 -17.68 9.41
C SER A 294 -23.34 -18.60 9.70
N PHE A 295 -23.45 -19.39 10.75
CA PHE A 295 -22.47 -20.45 11.01
C PHE A 295 -23.14 -21.81 10.78
N ASN A 296 -24.22 -21.79 10.02
CA ASN A 296 -24.95 -23.00 9.66
C ASN A 296 -24.71 -23.38 8.20
N LEU A 297 -24.23 -24.59 7.98
CA LEU A 297 -23.88 -25.07 6.64
C LEU A 297 -24.96 -24.74 5.60
N GLU A 298 -26.20 -25.11 5.88
CA GLU A 298 -27.28 -24.89 4.94
C GLU A 298 -27.59 -23.41 4.68
N ARG A 299 -27.60 -22.61 5.74
CA ARG A 299 -27.95 -21.21 5.61
C ARG A 299 -26.83 -20.38 4.97
N ILE A 300 -25.59 -20.76 5.21
CA ILE A 300 -24.47 -20.13 4.50
C ILE A 300 -24.69 -20.25 3.00
N LYS A 301 -25.05 -21.45 2.54
CA LYS A 301 -25.30 -21.67 1.12
C LYS A 301 -26.54 -20.91 0.65
N GLU A 302 -27.59 -20.97 1.45
CA GLU A 302 -28.85 -20.32 1.09
C GLU A 302 -28.66 -18.83 0.85
N ASN A 303 -27.95 -18.17 1.77
CA ASN A 303 -27.75 -16.72 1.65
C ASN A 303 -26.98 -16.29 0.40
N PHE A 304 -26.20 -17.20 -0.16
CA PHE A 304 -25.41 -16.91 -1.35
C PHE A 304 -26.20 -17.08 -2.66
N GLN A 305 -27.31 -17.80 -2.59
CA GLN A 305 -28.10 -18.07 -3.79
C GLN A 305 -29.03 -16.90 -4.09
N ILE A 306 -28.45 -15.77 -4.45
CA ILE A 306 -29.23 -14.56 -4.68
C ILE A 306 -28.88 -13.90 -6.01
N PHE A 307 -28.28 -14.68 -6.91
CA PHE A 307 -27.86 -14.16 -8.21
C PHE A 307 -28.63 -14.78 -9.38
N ASP A 308 -29.58 -15.67 -9.06
CA ASP A 308 -30.34 -16.36 -10.09
C ASP A 308 -31.77 -15.86 -10.20
N PHE A 309 -32.01 -14.65 -9.70
CA PHE A 309 -33.29 -13.99 -9.85
C PHE A 309 -33.13 -12.50 -9.59
N SER A 310 -34.16 -11.73 -9.93
CA SER A 310 -34.14 -10.29 -9.68
C SER A 310 -35.55 -9.81 -9.35
N LEU A 311 -35.63 -8.82 -8.47
CA LEU A 311 -36.92 -8.28 -8.05
C LEU A 311 -37.39 -7.23 -9.04
N THR A 312 -38.71 -7.22 -9.29
CA THR A 312 -39.28 -6.22 -10.18
C THR A 312 -39.24 -4.85 -9.49
N GLU A 313 -39.31 -3.80 -10.29
CA GLU A 313 -39.23 -2.43 -9.79
C GLU A 313 -40.39 -2.14 -8.85
N GLU A 314 -41.52 -2.79 -9.09
CA GLU A 314 -42.67 -2.66 -8.21
C GLU A 314 -42.43 -3.41 -6.91
N GLU A 315 -41.73 -4.53 -7.01
CA GLU A 315 -41.36 -5.32 -5.83
C GLU A 315 -40.33 -4.58 -4.99
N MET A 316 -39.36 -3.95 -5.64
CA MET A 316 -38.38 -3.15 -4.92
C MET A 316 -39.06 -2.02 -4.17
N LYS A 317 -40.01 -1.36 -4.83
CA LYS A 317 -40.76 -0.27 -4.21
C LYS A 317 -41.54 -0.78 -3.00
N ASP A 318 -42.23 -1.90 -3.17
CA ASP A 318 -43.02 -2.47 -2.08
C ASP A 318 -42.16 -2.87 -0.88
N ILE A 319 -40.98 -3.44 -1.16
CA ILE A 319 -40.07 -3.82 -0.09
C ILE A 319 -39.50 -2.58 0.59
N GLU A 320 -39.09 -1.62 -0.22
CA GLU A 320 -38.53 -0.37 0.28
CA GLU A 320 -38.53 -0.38 0.29
C GLU A 320 -39.56 0.38 1.10
N ALA A 321 -40.84 0.07 0.86
CA ALA A 321 -41.94 0.71 1.59
C ALA A 321 -42.19 0.06 2.95
N LEU A 322 -41.56 -1.09 3.19
CA LEU A 322 -41.61 -1.72 4.50
C LEU A 322 -40.77 -0.90 5.47
N ASN A 323 -40.02 0.05 4.94
CA ASN A 323 -39.17 0.91 5.75
C ASN A 323 -39.90 1.43 6.98
N LYS A 324 -39.39 1.07 8.15
CA LYS A 324 -39.94 1.49 9.43
C LYS A 324 -39.34 2.82 9.84
N ASN A 325 -38.15 3.11 9.31
CA ASN A 325 -37.30 4.14 9.89
C ASN A 325 -37.14 3.88 11.39
N VAL A 326 -37.05 2.61 11.73
CA VAL A 326 -36.84 2.13 13.09
C VAL A 326 -35.70 1.11 13.12
N ARG A 327 -34.82 1.19 14.11
CA ARG A 327 -33.60 0.37 14.17
C ARG A 327 -33.69 -0.84 15.08
N PHE A 328 -33.10 -1.95 14.65
CA PHE A 328 -32.90 -3.09 15.53
C PHE A 328 -31.70 -2.86 16.46
N VAL A 329 -30.71 -2.11 15.97
CA VAL A 329 -29.51 -1.85 16.76
C VAL A 329 -29.43 -0.38 17.14
N GLU A 330 -29.94 -0.04 18.32
CA GLU A 330 -30.01 1.35 18.76
C GLU A 330 -28.85 1.76 19.67
N LEU A 331 -28.28 0.79 20.37
CA LEU A 331 -27.16 1.04 21.28
C LEU A 331 -27.49 2.22 22.19
N LEU A 332 -28.66 2.15 22.84
CA LEU A 332 -29.17 3.24 23.65
C LEU A 332 -28.29 3.54 24.87
N MET A 333 -27.52 2.56 25.31
CA MET A 333 -26.65 2.76 26.47
C MET A 333 -25.58 3.83 26.19
N TRP A 334 -25.40 4.17 24.91
CA TRP A 334 -24.38 5.14 24.52
C TRP A 334 -25.01 6.41 23.96
N ARG A 335 -26.32 6.56 24.15
CA ARG A 335 -27.07 7.64 23.53
C ARG A 335 -26.61 9.05 23.90
N ASP A 336 -25.88 9.18 25.01
CA ASP A 336 -25.43 10.49 25.46
C ASP A 336 -23.97 10.79 25.10
N HIS A 337 -23.27 9.80 24.56
CA HIS A 337 -21.91 10.04 24.10
C HIS A 337 -21.95 11.17 23.08
N PRO A 338 -20.98 12.09 23.17
CA PRO A 338 -20.94 13.21 22.24
C PRO A 338 -21.01 12.76 20.78
N GLU A 339 -20.57 11.54 20.51
CA GLU A 339 -20.50 11.05 19.13
C GLU A 339 -21.56 10.01 18.80
N TYR A 340 -22.54 9.83 19.67
CA TYR A 340 -23.66 8.96 19.37
C TYR A 340 -24.22 9.35 18.01
N PRO A 341 -24.33 8.38 17.10
CA PRO A 341 -24.65 8.64 15.69
C PRO A 341 -26.16 8.75 15.43
N PHE A 342 -26.98 8.22 16.32
CA PHE A 342 -28.38 7.97 16.00
C PHE A 342 -29.38 8.97 16.58
N HIS A 343 -28.88 10.13 17.04
CA HIS A 343 -29.80 11.19 17.45
C HIS A 343 -30.20 12.05 16.27
N ASP A 344 -29.24 12.39 15.41
CA ASP A 344 -29.52 13.12 14.19
C ASP A 344 -30.50 12.32 13.34
N GLU A 345 -31.19 13.00 12.43
CA GLU A 345 -32.07 12.33 11.47
C GLU A 345 -31.33 11.19 10.80
N TYR A 346 -30.27 11.55 10.08
CA TYR A 346 -29.39 10.58 9.45
C TYR A 346 -27.96 11.09 9.52
N ASP B 22 20.99 13.12 -29.80
CA ASP B 22 21.15 11.95 -28.96
C ASP B 22 20.34 12.07 -27.68
N LEU B 23 20.77 12.96 -26.79
CA LEU B 23 20.06 13.23 -25.55
C LEU B 23 19.50 14.65 -25.56
N SER B 24 18.19 14.77 -25.40
CA SER B 24 17.58 16.09 -25.26
C SER B 24 16.65 16.09 -24.04
N ALA B 25 16.16 17.26 -23.67
CA ALA B 25 15.26 17.37 -22.53
C ALA B 25 13.98 16.59 -22.80
N ALA B 26 13.54 16.57 -24.05
CA ALA B 26 12.29 15.93 -24.42
C ALA B 26 12.44 14.41 -24.58
N SER B 27 13.64 13.97 -24.95
CA SER B 27 13.89 12.58 -25.28
C SER B 27 15.29 12.15 -24.87
N HIS B 28 15.41 11.51 -23.70
CA HIS B 28 16.72 11.10 -23.20
C HIS B 28 16.71 9.72 -22.58
N ARG B 29 15.96 8.81 -23.18
CA ARG B 29 15.95 7.42 -22.71
C ARG B 29 17.05 6.65 -23.39
N ILE B 30 17.70 5.77 -22.65
CA ILE B 30 18.70 4.89 -23.22
C ILE B 30 18.29 3.43 -23.07
N PRO B 31 18.76 2.56 -23.98
CA PRO B 31 18.24 1.19 -24.02
C PRO B 31 18.68 0.33 -22.85
N LEU B 32 17.76 -0.53 -22.40
CA LEU B 32 18.10 -1.62 -21.49
C LEU B 32 18.13 -2.91 -22.28
N SER B 33 18.87 -3.91 -21.78
CA SER B 33 19.11 -5.13 -22.54
C SER B 33 17.85 -5.97 -22.78
N ASP B 34 16.79 -5.68 -22.02
CA ASP B 34 15.56 -6.44 -22.14
C ASP B 34 14.54 -5.83 -23.09
N GLY B 35 14.94 -4.77 -23.79
CA GLY B 35 14.06 -4.14 -24.77
C GLY B 35 13.35 -2.90 -24.24
N ASN B 36 13.41 -2.72 -22.93
CA ASN B 36 12.88 -1.52 -22.28
C ASN B 36 13.90 -0.39 -22.42
N SER B 37 13.55 0.78 -21.90
CA SER B 37 14.46 1.91 -21.89
C SER B 37 14.34 2.66 -20.57
N ILE B 38 15.35 3.46 -20.26
CA ILE B 38 15.38 4.19 -18.99
C ILE B 38 15.80 5.62 -19.23
N PRO B 39 15.03 6.59 -18.70
CA PRO B 39 15.43 8.00 -18.81
C PRO B 39 16.77 8.21 -18.11
N ILE B 40 17.70 8.89 -18.77
CA ILE B 40 19.08 8.97 -18.30
C ILE B 40 19.24 9.86 -17.07
N ILE B 41 18.23 10.67 -16.75
CA ILE B 41 18.18 11.36 -15.47
C ILE B 41 16.87 11.01 -14.76
N GLY B 42 16.96 10.81 -13.45
CA GLY B 42 15.78 10.61 -12.61
C GLY B 42 15.90 11.42 -11.34
N LEU B 43 14.79 11.59 -10.63
CA LEU B 43 14.80 12.24 -9.33
C LEU B 43 14.99 11.20 -8.24
N GLY B 44 16.04 11.35 -7.45
CA GLY B 44 16.23 10.52 -6.26
C GLY B 44 15.29 10.99 -5.16
N THR B 45 14.84 10.06 -4.32
CA THR B 45 13.86 10.43 -3.30
C THR B 45 14.19 10.07 -1.86
N TYR B 46 15.42 9.62 -1.58
CA TYR B 46 15.72 9.39 -0.17
C TYR B 46 15.82 10.72 0.55
N SER B 47 15.21 10.78 1.73
CA SER B 47 15.33 11.94 2.60
C SER B 47 15.17 11.46 4.04
N GLU B 48 15.99 12.00 4.95
CA GLU B 48 15.95 11.58 6.35
C GLU B 48 14.54 11.66 6.91
N PRO B 49 13.95 10.50 7.26
CA PRO B 49 12.54 10.45 7.67
C PRO B 49 12.18 11.33 8.87
N LYS B 50 12.98 11.27 9.94
CA LYS B 50 12.65 12.00 11.16
CA LYS B 50 12.63 11.99 11.16
C LYS B 50 12.64 13.50 10.96
N SER B 51 13.48 13.98 10.06
CA SER B 51 13.68 15.42 9.91
C SER B 51 13.01 16.07 8.69
N THR B 52 12.45 15.27 7.80
CA THR B 52 11.87 15.79 6.56
C THR B 52 10.37 16.03 6.66
N PRO B 53 9.91 17.25 6.31
CA PRO B 53 8.47 17.53 6.39
C PRO B 53 7.64 16.59 5.53
N LYS B 54 6.52 16.12 6.08
CA LYS B 54 5.59 15.32 5.30
C LYS B 54 5.16 16.12 4.09
N GLY B 55 5.06 15.45 2.95
CA GLY B 55 4.59 16.09 1.73
C GLY B 55 5.70 16.63 0.85
N ALA B 56 6.90 16.77 1.40
CA ALA B 56 8.02 17.33 0.67
C ALA B 56 8.39 16.47 -0.53
N CYS B 57 8.35 15.16 -0.35
CA CYS B 57 8.66 14.25 -1.44
C CYS B 57 7.62 14.38 -2.56
N ALA B 58 6.35 14.36 -2.18
CA ALA B 58 5.27 14.47 -3.16
C ALA B 58 5.39 15.76 -3.97
N THR B 59 5.60 16.87 -3.28
CA THR B 59 5.74 18.16 -3.94
C THR B 59 6.89 18.12 -4.92
N SER B 60 7.99 17.51 -4.49
CA SER B 60 9.20 17.47 -5.30
C SER B 60 9.03 16.61 -6.55
N VAL B 61 8.34 15.48 -6.39
CA VAL B 61 8.08 14.62 -7.54
C VAL B 61 7.19 15.34 -8.56
N LYS B 62 6.18 16.05 -8.07
CA LYS B 62 5.34 16.83 -8.98
C LYS B 62 6.13 17.90 -9.72
N VAL B 63 6.98 18.62 -8.99
CA VAL B 63 7.81 19.66 -9.60
C VAL B 63 8.75 19.05 -10.64
N ALA B 64 9.35 17.91 -10.30
CA ALA B 64 10.22 17.21 -11.23
C ALA B 64 9.50 16.83 -12.52
N ILE B 65 8.31 16.25 -12.39
CA ILE B 65 7.55 15.86 -13.57
C ILE B 65 7.19 17.07 -14.44
N ASP B 66 6.79 18.17 -13.80
CA ASP B 66 6.48 19.40 -14.52
C ASP B 66 7.71 19.90 -15.27
N THR B 67 8.87 19.73 -14.64
CA THR B 67 10.14 20.21 -15.17
C THR B 67 10.57 19.39 -16.38
N GLY B 68 10.17 18.11 -16.41
CA GLY B 68 10.52 17.24 -17.51
C GLY B 68 11.10 15.89 -17.11
N TYR B 69 11.35 15.67 -15.81
CA TYR B 69 11.85 14.37 -15.38
C TYR B 69 10.79 13.33 -15.71
N ARG B 70 11.23 12.15 -16.11
CA ARG B 70 10.30 11.05 -16.40
C ARG B 70 10.72 9.77 -15.65
N HIS B 71 11.67 9.92 -14.73
CA HIS B 71 12.25 8.79 -14.00
C HIS B 71 12.31 9.19 -12.54
N ILE B 72 11.76 8.34 -11.66
CA ILE B 72 11.82 8.57 -10.22
C ILE B 72 12.42 7.33 -9.56
N ASP B 73 13.37 7.54 -8.65
CA ASP B 73 14.00 6.44 -7.94
C ASP B 73 13.57 6.49 -6.50
N GLY B 74 13.03 5.38 -6.01
CA GLY B 74 12.57 5.35 -4.63
C GLY B 74 12.71 3.97 -4.00
N ALA B 75 12.11 3.81 -2.83
CA ALA B 75 12.16 2.54 -2.13
C ALA B 75 11.20 2.58 -0.95
N TYR B 76 10.56 1.44 -0.68
CA TYR B 76 9.65 1.37 0.45
C TYR B 76 10.36 1.82 1.75
N ILE B 77 11.60 1.42 1.93
CA ILE B 77 12.32 1.75 3.16
C ILE B 77 12.71 3.22 3.28
N TYR B 78 12.45 4.02 2.23
CA TYR B 78 12.67 5.46 2.32
C TYR B 78 11.55 6.13 3.12
N GLN B 79 10.50 5.35 3.39
CA GLN B 79 9.38 5.81 4.23
CA GLN B 79 9.36 5.79 4.21
C GLN B 79 8.43 6.78 3.52
N ASN B 80 8.76 7.14 2.28
CA ASN B 80 7.95 8.10 1.54
C ASN B 80 7.47 7.56 0.20
N GLU B 81 7.45 6.26 0.02
CA GLU B 81 7.08 5.69 -1.28
C GLU B 81 5.64 6.02 -1.66
N HIS B 82 4.77 6.18 -0.65
CA HIS B 82 3.39 6.55 -0.91
C HIS B 82 3.29 7.96 -1.49
N GLU B 83 4.19 8.85 -1.08
CA GLU B 83 4.20 10.21 -1.60
C GLU B 83 4.62 10.20 -3.07
N VAL B 84 5.56 9.32 -3.42
CA VAL B 84 5.93 9.16 -4.82
C VAL B 84 4.72 8.73 -5.66
N GLY B 85 4.01 7.71 -5.19
CA GLY B 85 2.82 7.26 -5.90
C GLY B 85 1.76 8.33 -6.02
N GLU B 86 1.55 9.09 -4.95
CA GLU B 86 0.57 10.17 -4.95
CA GLU B 86 0.56 10.15 -4.96
C GLU B 86 0.89 11.17 -6.06
N ALA B 87 2.15 11.55 -6.14
CA ALA B 87 2.58 12.54 -7.12
C ALA B 87 2.45 12.03 -8.55
N ILE B 88 2.88 10.79 -8.78
CA ILE B 88 2.77 10.19 -10.10
C ILE B 88 1.31 10.12 -10.54
N ARG B 89 0.45 9.66 -9.64
CA ARG B 89 -0.97 9.51 -9.97
C ARG B 89 -1.64 10.87 -10.18
N GLU B 90 -1.22 11.88 -9.42
CA GLU B 90 -1.76 13.23 -9.61
C GLU B 90 -1.43 13.76 -11.00
N LYS B 91 -0.19 13.58 -11.44
CA LYS B 91 0.24 14.07 -12.74
C LYS B 91 -0.38 13.30 -13.90
N ILE B 92 -0.65 12.02 -13.69
CA ILE B 92 -1.34 11.22 -14.70
C ILE B 92 -2.78 11.69 -14.80
N ALA B 93 -3.39 11.94 -13.64
CA ALA B 93 -4.78 12.36 -13.59
C ALA B 93 -4.97 13.75 -14.18
N GLU B 94 -3.94 14.59 -14.09
CA GLU B 94 -4.06 15.94 -14.63
C GLU B 94 -3.71 15.97 -16.11
N GLY B 95 -3.36 14.81 -16.65
CA GLY B 95 -3.08 14.65 -18.06
C GLY B 95 -1.69 15.10 -18.48
N LYS B 96 -0.85 15.42 -17.50
CA LYS B 96 0.50 15.88 -17.78
C LYS B 96 1.33 14.77 -18.42
N VAL B 97 1.18 13.55 -17.90
CA VAL B 97 1.88 12.38 -18.43
C VAL B 97 0.97 11.17 -18.42
N ARG B 98 1.37 10.14 -19.15
CA ARG B 98 0.67 8.86 -19.09
CA ARG B 98 0.69 8.84 -19.13
C ARG B 98 1.52 7.90 -18.27
N ARG B 99 0.90 6.83 -17.77
CA ARG B 99 1.66 5.87 -16.96
C ARG B 99 2.89 5.38 -17.71
N GLU B 100 2.73 5.13 -19.01
CA GLU B 100 3.82 4.59 -19.83
C GLU B 100 4.98 5.56 -20.00
N ASP B 101 4.74 6.84 -19.70
CA ASP B 101 5.76 7.87 -19.84
C ASP B 101 6.65 7.95 -18.61
N ILE B 102 6.18 7.37 -17.50
CA ILE B 102 6.88 7.47 -16.22
C ILE B 102 7.62 6.18 -15.89
N PHE B 103 8.85 6.33 -15.40
CA PHE B 103 9.71 5.20 -15.07
C PHE B 103 9.98 5.23 -13.59
N TYR B 104 9.38 4.30 -12.84
CA TYR B 104 9.64 4.22 -11.40
C TYR B 104 10.51 3.02 -11.06
N CYS B 105 11.56 3.29 -10.29
CA CYS B 105 12.40 2.22 -9.77
C CYS B 105 12.17 2.07 -8.27
N GLY B 106 11.85 0.85 -7.85
CA GLY B 106 11.73 0.52 -6.44
C GLY B 106 12.75 -0.55 -6.09
N LYS B 107 12.88 -0.86 -4.80
CA LYS B 107 13.97 -1.74 -4.34
C LYS B 107 13.54 -2.76 -3.30
N LEU B 108 14.05 -3.99 -3.45
CA LEU B 108 13.82 -5.05 -2.48
C LEU B 108 14.90 -5.00 -1.41
N TRP B 109 14.51 -4.69 -0.18
CA TRP B 109 15.49 -4.53 0.90
C TRP B 109 16.04 -5.86 1.42
N ALA B 110 17.15 -5.77 2.17
CA ALA B 110 17.89 -6.92 2.67
C ALA B 110 17.06 -7.91 3.49
N THR B 111 16.08 -7.40 4.22
CA THR B 111 15.26 -8.27 5.07
C THR B 111 14.25 -9.09 4.27
N ASN B 112 14.21 -8.89 2.97
CA ASN B 112 13.18 -9.51 2.12
C ASN B 112 13.76 -10.36 0.99
N HIS B 113 14.97 -10.87 1.19
CA HIS B 113 15.67 -11.69 0.21
C HIS B 113 15.15 -13.13 0.11
N VAL B 114 14.55 -13.66 1.18
CA VAL B 114 14.05 -15.03 1.12
C VAL B 114 13.08 -15.12 -0.04
N PRO B 115 13.26 -16.12 -0.93
CA PRO B 115 12.51 -16.12 -2.18
C PRO B 115 11.00 -15.94 -2.02
N GLU B 116 10.39 -16.66 -1.07
CA GLU B 116 8.94 -16.60 -0.91
C GLU B 116 8.45 -15.23 -0.46
N MET B 117 9.37 -14.35 -0.06
CA MET B 117 9.00 -13.02 0.43
CA MET B 117 8.98 -13.03 0.42
C MET B 117 9.10 -11.96 -0.66
N VAL B 118 9.77 -12.30 -1.76
CA VAL B 118 9.98 -11.33 -2.83
C VAL B 118 8.69 -10.80 -3.46
N ARG B 119 7.82 -11.69 -3.93
CA ARG B 119 6.59 -11.25 -4.54
C ARG B 119 5.68 -10.47 -3.57
N PRO B 120 5.51 -10.96 -2.34
CA PRO B 120 4.65 -10.20 -1.41
C PRO B 120 5.22 -8.82 -1.09
N THR B 121 6.55 -8.69 -1.11
CA THR B 121 7.18 -7.41 -0.84
C THR B 121 6.92 -6.44 -1.99
N LEU B 122 7.04 -6.93 -3.21
CA LEU B 122 6.73 -6.09 -4.37
C LEU B 122 5.27 -5.70 -4.34
N GLU B 123 4.40 -6.66 -4.02
CA GLU B 123 2.97 -6.36 -3.94
C GLU B 123 2.68 -5.26 -2.93
N ARG B 124 3.40 -5.25 -1.81
CA ARG B 124 3.23 -4.20 -0.81
C ARG B 124 3.55 -2.83 -1.42
N THR B 125 4.66 -2.76 -2.14
CA THR B 125 5.05 -1.50 -2.79
C THR B 125 4.02 -1.07 -3.82
N LEU B 126 3.40 -2.04 -4.50
CA LEU B 126 2.37 -1.74 -5.48
C LEU B 126 1.12 -1.18 -4.79
N ARG B 127 0.80 -1.70 -3.61
CA ARG B 127 -0.29 -1.13 -2.82
C ARG B 127 0.02 0.30 -2.41
N VAL B 128 1.24 0.49 -1.91
CA VAL B 128 1.71 1.78 -1.46
C VAL B 128 1.64 2.84 -2.58
N LEU B 129 2.11 2.47 -3.77
CA LEU B 129 2.06 3.35 -4.93
C LEU B 129 0.68 3.49 -5.54
N GLN B 130 -0.19 2.53 -5.25
CA GLN B 130 -1.46 2.38 -5.96
C GLN B 130 -1.23 2.30 -7.48
N LEU B 131 -0.23 1.53 -7.87
CA LEU B 131 0.07 1.28 -9.28
C LEU B 131 0.07 -0.22 -9.54
N ASP B 132 -0.08 -0.61 -10.81
CA ASP B 132 -0.18 -2.02 -11.16
C ASP B 132 1.16 -2.70 -11.36
N TYR B 133 2.19 -1.92 -11.65
CA TYR B 133 3.53 -2.45 -11.86
C TYR B 133 4.57 -1.37 -11.57
N VAL B 134 5.81 -1.77 -11.32
CA VAL B 134 6.93 -0.82 -11.32
C VAL B 134 7.76 -1.05 -12.58
N ASP B 135 8.51 -0.03 -12.99
CA ASP B 135 9.26 -0.14 -14.22
C ASP B 135 10.58 -0.88 -14.02
N LEU B 136 11.17 -0.70 -12.85
CA LEU B 136 12.40 -1.40 -12.51
C LEU B 136 12.34 -1.79 -11.04
N TYR B 137 12.65 -3.04 -10.75
CA TYR B 137 12.71 -3.48 -9.36
C TYR B 137 14.08 -4.12 -9.17
N ILE B 138 14.80 -3.68 -8.15
CA ILE B 138 16.19 -4.11 -7.99
C ILE B 138 16.45 -4.63 -6.59
N ILE B 139 17.37 -5.59 -6.50
CA ILE B 139 17.85 -6.04 -5.21
C ILE B 139 18.73 -4.94 -4.62
N HIS B 140 18.31 -4.39 -3.49
CA HIS B 140 18.91 -3.15 -2.96
C HIS B 140 20.38 -3.33 -2.54
N VAL B 141 20.66 -4.45 -1.87
CA VAL B 141 22.02 -4.82 -1.50
C VAL B 141 22.15 -6.33 -1.65
N PRO B 142 23.37 -6.82 -1.85
CA PRO B 142 23.54 -8.27 -2.03
C PRO B 142 23.50 -9.01 -0.69
N MET B 143 23.41 -8.26 0.40
CA MET B 143 23.41 -8.83 1.75
CA MET B 143 23.40 -8.84 1.74
C MET B 143 21.99 -9.16 2.21
N ALA B 144 21.77 -10.41 2.63
CA ALA B 144 20.48 -10.78 3.21
C ALA B 144 20.52 -10.53 4.71
N PHE B 145 19.48 -9.87 5.23
CA PHE B 145 19.32 -9.65 6.67
C PHE B 145 18.20 -10.54 7.19
N LYS B 146 18.14 -10.70 8.50
CA LYS B 146 17.07 -11.47 9.12
C LYS B 146 15.69 -10.99 8.67
N PRO B 147 14.86 -11.91 8.17
CA PRO B 147 13.48 -11.57 7.83
C PRO B 147 12.73 -11.02 9.03
N GLY B 148 11.74 -10.18 8.79
CA GLY B 148 10.93 -9.64 9.86
C GLY B 148 10.50 -8.21 9.63
N ASP B 149 9.94 -7.59 10.67
CA ASP B 149 9.43 -6.23 10.57
C ASP B 149 10.54 -5.18 10.62
N GLU B 150 11.63 -5.49 11.33
CA GLU B 150 12.71 -4.54 11.49
C GLU B 150 13.56 -4.43 10.22
N ILE B 151 13.62 -3.24 9.64
CA ILE B 151 14.46 -2.97 8.47
C ILE B 151 15.93 -3.08 8.80
N TYR B 152 16.29 -2.68 10.01
CA TYR B 152 17.68 -2.69 10.42
C TYR B 152 17.83 -3.53 11.68
N PRO B 153 17.63 -4.85 11.53
CA PRO B 153 17.55 -5.77 12.67
C PRO B 153 18.86 -5.90 13.42
N ARG B 154 18.85 -5.51 14.69
CA ARG B 154 19.96 -5.73 15.60
C ARG B 154 19.40 -6.25 16.91
N ASP B 155 20.15 -7.13 17.58
CA ASP B 155 19.68 -7.70 18.83
C ASP B 155 20.02 -6.80 20.03
N GLU B 156 19.78 -7.33 21.23
CA GLU B 156 19.98 -6.61 22.47
C GLU B 156 21.43 -6.09 22.62
N ASN B 157 22.36 -6.73 21.93
CA ASN B 157 23.77 -6.36 22.03
C ASN B 157 24.28 -5.52 20.86
N GLY B 158 23.37 -5.01 20.05
CA GLY B 158 23.74 -4.18 18.91
C GLY B 158 24.36 -4.98 17.77
N LYS B 159 24.23 -6.30 17.83
CA LYS B 159 24.75 -7.16 16.79
C LYS B 159 23.74 -7.28 15.65
N TRP B 160 24.17 -6.92 14.44
CA TRP B 160 23.29 -6.98 13.28
C TRP B 160 22.83 -8.40 13.03
N LEU B 161 21.56 -8.56 12.71
CA LEU B 161 20.96 -9.86 12.51
C LEU B 161 20.90 -10.17 11.02
N TYR B 162 21.69 -11.15 10.58
CA TYR B 162 21.78 -11.50 9.17
C TYR B 162 21.02 -12.77 8.82
N HIS B 163 21.02 -13.09 7.53
CA HIS B 163 20.47 -14.32 7.02
C HIS B 163 21.43 -14.77 5.93
N LYS B 164 21.45 -16.07 5.63
CA LYS B 164 22.33 -16.56 4.58
C LYS B 164 21.86 -16.03 3.22
N SER B 165 22.74 -15.32 2.53
CA SER B 165 22.43 -14.84 1.19
C SER B 165 22.33 -16.01 0.22
N ASN B 166 21.36 -15.96 -0.67
CA ASN B 166 21.28 -16.90 -1.77
C ASN B 166 20.82 -16.14 -2.99
N LEU B 167 21.76 -15.42 -3.60
CA LEU B 167 21.44 -14.44 -4.63
C LEU B 167 20.73 -15.06 -5.83
N CYS B 168 21.13 -16.26 -6.20
CA CYS B 168 20.49 -16.91 -7.35
C CYS B 168 19.03 -17.26 -7.05
N ALA B 169 18.75 -17.73 -5.85
CA ALA B 169 17.38 -18.06 -5.46
C ALA B 169 16.51 -16.80 -5.38
N THR B 170 17.06 -15.74 -4.80
CA THR B 170 16.36 -14.46 -4.75
C THR B 170 16.12 -13.96 -6.18
N TRP B 171 17.11 -14.14 -7.04
CA TRP B 171 16.95 -13.69 -8.42
C TRP B 171 15.82 -14.43 -9.12
N GLU B 172 15.75 -15.75 -8.95
CA GLU B 172 14.66 -16.52 -9.55
C GLU B 172 13.30 -16.00 -9.12
N ALA B 173 13.18 -15.62 -7.85
CA ALA B 173 11.94 -15.03 -7.34
C ALA B 173 11.65 -13.68 -8.00
N MET B 174 12.70 -12.91 -8.28
CA MET B 174 12.54 -11.64 -8.98
C MET B 174 12.04 -11.89 -10.40
N GLU B 175 12.62 -12.90 -11.05
CA GLU B 175 12.23 -13.24 -12.41
C GLU B 175 10.76 -13.61 -12.48
N ALA B 176 10.28 -14.30 -11.46
CA ALA B 176 8.87 -14.67 -11.40
C ALA B 176 7.98 -13.44 -11.33
N CYS B 177 8.48 -12.39 -10.67
CA CYS B 177 7.71 -11.15 -10.58
C CYS B 177 7.55 -10.48 -11.94
N LYS B 178 8.61 -10.51 -12.76
CA LYS B 178 8.52 -9.98 -14.11
C LYS B 178 7.56 -10.80 -14.96
N ASP B 179 7.66 -12.12 -14.87
CA ASP B 179 6.79 -13.01 -15.61
C ASP B 179 5.33 -12.75 -15.26
N ALA B 180 5.10 -12.37 -14.02
CA ALA B 180 3.74 -12.11 -13.52
C ALA B 180 3.24 -10.72 -13.91
N GLY B 181 4.12 -9.92 -14.53
CA GLY B 181 3.74 -8.61 -15.02
C GLY B 181 3.76 -7.52 -13.98
N LEU B 182 4.33 -7.81 -12.81
CA LEU B 182 4.36 -6.85 -11.72
C LEU B 182 5.51 -5.87 -11.87
N VAL B 183 6.47 -6.20 -12.74
CA VAL B 183 7.62 -5.34 -12.96
C VAL B 183 8.10 -5.51 -14.38
N LYS B 184 8.53 -4.42 -15.01
CA LYS B 184 8.96 -4.48 -16.40
C LYS B 184 10.40 -4.94 -16.55
N SER B 185 11.29 -4.38 -15.73
CA SER B 185 12.71 -4.69 -15.81
C SER B 185 13.30 -5.01 -14.46
N LEU B 186 14.30 -5.89 -14.45
CA LEU B 186 14.93 -6.33 -13.21
C LEU B 186 16.37 -5.88 -13.13
N GLY B 187 16.81 -5.49 -11.93
CA GLY B 187 18.18 -5.03 -11.75
C GLY B 187 18.72 -5.30 -10.35
N VAL B 188 19.91 -4.78 -10.09
CA VAL B 188 20.52 -4.94 -8.78
C VAL B 188 21.12 -3.62 -8.30
N SER B 189 21.66 -3.61 -7.09
CA SER B 189 22.26 -2.40 -6.55
C SER B 189 23.35 -2.78 -5.57
N ASN B 190 24.46 -2.04 -5.58
CA ASN B 190 25.58 -2.35 -4.70
C ASN B 190 26.16 -3.74 -4.91
N PHE B 191 26.04 -4.26 -6.13
CA PHE B 191 26.66 -5.54 -6.46
C PHE B 191 28.06 -5.33 -7.00
N ASN B 192 28.99 -6.16 -6.56
CA ASN B 192 30.34 -6.15 -7.14
C ASN B 192 30.41 -7.13 -8.30
N ARG B 193 31.59 -7.22 -8.92
CA ARG B 193 31.74 -8.06 -10.09
C ARG B 193 31.40 -9.53 -9.80
N ARG B 194 31.92 -10.05 -8.69
CA ARG B 194 31.66 -11.44 -8.32
C ARG B 194 30.17 -11.69 -8.20
N GLN B 195 29.46 -10.75 -7.57
CA GLN B 195 28.04 -10.93 -7.31
C GLN B 195 27.21 -10.85 -8.59
N LEU B 196 27.57 -9.94 -9.48
CA LEU B 196 26.97 -9.89 -10.81
C LEU B 196 27.19 -11.22 -11.55
N GLU B 197 28.42 -11.74 -11.49
CA GLU B 197 28.70 -12.97 -12.20
CA GLU B 197 28.76 -12.99 -12.17
C GLU B 197 27.94 -14.19 -11.64
N LEU B 198 27.68 -14.19 -10.34
CA LEU B 198 26.88 -15.27 -9.75
C LEU B 198 25.53 -15.37 -10.45
N ILE B 199 24.94 -14.22 -10.74
CA ILE B 199 23.68 -14.19 -11.47
C ILE B 199 23.86 -14.44 -12.97
N LEU B 200 24.85 -13.79 -13.57
CA LEU B 200 25.05 -13.93 -15.02
C LEU B 200 25.36 -15.37 -15.42
N ASN B 201 26.02 -16.09 -14.54
CA ASN B 201 26.43 -17.46 -14.85
C ASN B 201 25.50 -18.53 -14.29
N LYS B 202 24.36 -18.10 -13.76
CA LYS B 202 23.40 -19.01 -13.15
C LYS B 202 22.76 -19.91 -14.19
N PRO B 203 22.71 -21.22 -13.91
CA PRO B 203 21.98 -22.12 -14.82
C PRO B 203 20.51 -21.74 -14.90
N GLY B 204 19.95 -21.79 -16.11
CA GLY B 204 18.54 -21.51 -16.28
C GLY B 204 18.17 -20.05 -16.15
N LEU B 205 19.18 -19.18 -16.17
CA LEU B 205 18.93 -17.73 -16.14
C LEU B 205 17.88 -17.36 -17.18
N LYS B 206 16.85 -16.63 -16.77
CA LYS B 206 15.79 -16.24 -17.70
C LYS B 206 15.83 -14.76 -18.02
N HIS B 207 16.11 -13.95 -17.02
CA HIS B 207 16.16 -12.50 -17.20
C HIS B 207 17.45 -11.96 -16.61
N LYS B 208 18.33 -11.49 -17.48
CA LYS B 208 19.59 -10.87 -17.11
C LYS B 208 19.35 -9.58 -16.33
N PRO B 209 20.17 -9.28 -15.32
CA PRO B 209 20.00 -7.96 -14.73
C PRO B 209 20.31 -6.89 -15.76
N VAL B 210 19.47 -5.86 -15.86
CA VAL B 210 19.67 -4.81 -16.85
C VAL B 210 20.41 -3.59 -16.31
N SER B 211 20.54 -3.53 -14.98
CA SER B 211 21.01 -2.32 -14.33
C SER B 211 21.71 -2.67 -13.02
N ASN B 212 22.75 -1.92 -12.68
CA ASN B 212 23.40 -2.03 -11.37
C ASN B 212 23.52 -0.61 -10.83
N GLN B 213 22.78 -0.33 -9.76
CA GLN B 213 22.76 1.01 -9.19
C GLN B 213 23.83 1.10 -8.12
N VAL B 214 24.85 1.91 -8.36
CA VAL B 214 25.97 2.04 -7.43
C VAL B 214 26.38 3.49 -7.26
N GLU B 215 27.09 3.79 -6.18
CA GLU B 215 27.64 5.13 -5.99
C GLU B 215 28.55 5.48 -7.16
N CYS B 216 28.34 6.66 -7.75
CA CYS B 216 29.19 7.07 -8.86
C CYS B 216 29.14 8.58 -9.08
N HIS B 217 30.33 9.18 -9.14
CA HIS B 217 30.49 10.62 -9.32
C HIS B 217 31.99 10.85 -9.51
N PRO B 218 32.41 12.11 -9.72
CA PRO B 218 33.84 12.33 -10.01
C PRO B 218 34.86 11.90 -8.93
N TYR B 219 34.44 11.76 -7.68
CA TYR B 219 35.39 11.29 -6.66
C TYR B 219 35.39 9.76 -6.53
N PHE B 220 34.41 9.11 -7.16
CA PHE B 220 34.37 7.65 -7.19
C PHE B 220 33.78 7.24 -8.54
N THR B 221 34.62 7.23 -9.56
CA THR B 221 34.15 7.12 -10.95
C THR B 221 33.84 5.70 -11.42
N GLN B 222 34.18 4.70 -10.61
CA GLN B 222 33.88 3.31 -10.93
C GLN B 222 34.47 2.82 -12.26
N PRO B 223 35.77 3.08 -12.50
CA PRO B 223 36.34 2.74 -13.81
C PRO B 223 36.17 1.25 -14.17
N LYS B 224 36.52 0.37 -13.25
CA LYS B 224 36.55 -1.06 -13.56
C LYS B 224 35.16 -1.69 -13.57
N LEU B 225 34.30 -1.25 -12.65
CA LEU B 225 32.96 -1.81 -12.60
C LEU B 225 32.14 -1.31 -13.78
N LEU B 226 32.35 -0.07 -14.17
CA LEU B 226 31.67 0.48 -15.34
C LEU B 226 32.07 -0.31 -16.57
N LYS B 227 33.38 -0.50 -16.76
CA LYS B 227 33.84 -1.26 -17.91
C LYS B 227 33.23 -2.67 -17.94
N PHE B 228 33.22 -3.34 -16.79
CA PHE B 228 32.65 -4.68 -16.72
C PHE B 228 31.17 -4.66 -17.09
N CYS B 229 30.42 -3.73 -16.53
CA CYS B 229 29.00 -3.66 -16.82
C CYS B 229 28.75 -3.37 -18.31
N GLN B 230 29.53 -2.48 -18.89
CA GLN B 230 29.39 -2.15 -20.30
C GLN B 230 29.59 -3.40 -21.14
N GLN B 231 30.60 -4.17 -20.78
CA GLN B 231 30.93 -5.39 -21.52
C GLN B 231 29.84 -6.44 -21.42
N HIS B 232 28.98 -6.31 -20.41
CA HIS B 232 27.90 -7.28 -20.22
C HIS B 232 26.51 -6.67 -20.42
N ASP B 233 26.47 -5.52 -21.09
CA ASP B 233 25.22 -4.86 -21.43
C ASP B 233 24.40 -4.55 -20.18
N ILE B 234 25.08 -4.14 -19.12
CA ILE B 234 24.43 -3.73 -17.89
C ILE B 234 24.65 -2.22 -17.72
N VAL B 235 23.56 -1.47 -17.58
CA VAL B 235 23.66 -0.03 -17.43
C VAL B 235 23.88 0.31 -15.97
N ILE B 236 24.84 1.18 -15.70
CA ILE B 236 25.05 1.67 -14.35
CA ILE B 236 25.07 1.68 -14.36
C ILE B 236 24.16 2.87 -14.08
N THR B 237 23.46 2.82 -12.95
CA THR B 237 22.76 3.98 -12.45
C THR B 237 23.60 4.51 -11.32
N ALA B 238 23.99 5.77 -11.42
CA ALA B 238 24.80 6.42 -10.40
C ALA B 238 23.93 6.97 -9.28
N TYR B 239 23.96 6.29 -8.13
CA TYR B 239 23.36 6.91 -6.96
C TYR B 239 24.33 7.88 -6.29
N SER B 240 23.79 8.73 -5.44
CA SER B 240 24.56 9.84 -4.87
C SER B 240 25.44 10.52 -5.92
N PRO B 241 24.86 10.91 -7.07
CA PRO B 241 25.68 11.43 -8.16
C PRO B 241 26.21 12.84 -7.90
N LEU B 242 25.66 13.51 -6.89
CA LEU B 242 26.16 14.80 -6.42
C LEU B 242 27.04 14.66 -5.17
N GLY B 243 27.39 13.44 -4.80
CA GLY B 243 28.27 13.21 -3.67
C GLY B 243 27.59 13.10 -2.30
N THR B 244 26.27 12.90 -2.30
CA THR B 244 25.46 12.72 -1.08
C THR B 244 25.13 14.01 -0.33
N SER B 245 24.20 13.90 0.63
CA SER B 245 23.87 15.00 1.51
C SER B 245 24.91 15.18 2.63
N ARG B 246 25.90 14.31 2.67
CA ARG B 246 27.01 14.38 3.63
C ARG B 246 26.55 14.31 5.09
N ASN B 247 25.60 13.43 5.36
CA ASN B 247 25.18 13.16 6.74
C ASN B 247 26.18 12.21 7.38
N PRO B 248 26.93 12.70 8.38
CA PRO B 248 28.02 11.93 8.98
C PRO B 248 27.53 10.69 9.73
N ILE B 249 26.23 10.60 9.97
CA ILE B 249 25.64 9.46 10.64
C ILE B 249 25.82 8.19 9.83
N TRP B 250 25.81 8.33 8.50
CA TRP B 250 25.99 7.16 7.65
C TRP B 250 26.91 7.38 6.44
N VAL B 251 27.33 8.62 6.24
CA VAL B 251 28.21 8.96 5.13
C VAL B 251 29.63 9.23 5.59
N ASN B 252 30.59 8.66 4.86
CA ASN B 252 32.00 8.97 5.03
C ASN B 252 32.32 10.35 4.49
N VAL B 253 32.57 11.30 5.39
CA VAL B 253 32.81 12.69 4.98
C VAL B 253 34.28 13.04 4.94
N SER B 254 35.13 12.05 4.70
CA SER B 254 36.57 12.27 4.59
C SER B 254 36.90 13.15 3.39
N SER B 255 36.27 12.85 2.26
CA SER B 255 36.44 13.67 1.07
C SER B 255 35.69 14.97 1.27
N PRO B 256 36.27 16.08 0.80
CA PRO B 256 35.60 17.37 0.90
C PRO B 256 34.32 17.35 0.07
N PRO B 257 33.45 18.36 0.24
CA PRO B 257 32.20 18.39 -0.51
C PRO B 257 32.46 18.41 -2.02
N LEU B 258 31.91 17.43 -2.72
CA LEU B 258 32.12 17.30 -4.15
C LEU B 258 31.76 18.58 -4.90
N LEU B 259 30.68 19.24 -4.50
CA LEU B 259 30.19 20.39 -5.25
C LEU B 259 31.02 21.66 -5.01
N LYS B 260 31.99 21.59 -4.09
CA LYS B 260 32.88 22.71 -3.83
C LYS B 260 34.23 22.52 -4.53
N ASP B 261 34.37 21.41 -5.25
CA ASP B 261 35.62 21.10 -5.94
C ASP B 261 36.03 22.25 -6.86
N ALA B 262 37.27 22.68 -6.76
CA ALA B 262 37.74 23.81 -7.56
C ALA B 262 37.57 23.58 -9.06
N LEU B 263 38.02 22.42 -9.53
CA LEU B 263 37.99 22.14 -10.96
C LEU B 263 36.56 22.06 -11.47
N LEU B 264 35.70 21.37 -10.75
CA LEU B 264 34.30 21.27 -11.17
C LEU B 264 33.66 22.65 -11.27
N ASN B 265 33.98 23.53 -10.32
CA ASN B 265 33.45 24.88 -10.37
C ASN B 265 34.03 25.69 -11.52
N SER B 266 35.31 25.49 -11.80
CA SER B 266 35.97 26.17 -12.92
C SER B 266 35.38 25.71 -14.26
N LEU B 267 35.17 24.42 -14.41
CA LEU B 267 34.52 23.90 -15.62
C LEU B 267 33.12 24.50 -15.78
N GLY B 268 32.40 24.61 -14.67
CA GLY B 268 31.08 25.21 -14.69
C GLY B 268 31.10 26.61 -15.28
N LYS B 269 32.10 27.39 -14.93
CA LYS B 269 32.20 28.75 -15.43
C LYS B 269 32.40 28.81 -16.95
N ARG B 270 32.93 27.74 -17.52
CA ARG B 270 33.13 27.70 -18.96
C ARG B 270 31.80 27.63 -19.72
N TYR B 271 30.75 27.17 -19.04
CA TYR B 271 29.47 26.94 -19.70
C TYR B 271 28.32 27.66 -18.99
N ASN B 272 28.65 28.52 -18.04
CA ASN B 272 27.65 29.16 -17.20
CA ASN B 272 27.66 29.15 -17.17
C ASN B 272 26.76 28.11 -16.53
N LYS B 273 27.39 27.06 -16.02
CA LYS B 273 26.70 25.98 -15.34
C LYS B 273 27.30 25.82 -13.95
N THR B 274 26.56 25.19 -13.06
CA THR B 274 27.05 24.94 -11.70
C THR B 274 27.84 23.64 -11.66
N ALA B 275 28.61 23.45 -10.60
CA ALA B 275 29.34 22.20 -10.42
C ALA B 275 28.39 21.00 -10.47
N ALA B 276 27.22 21.15 -9.86
CA ALA B 276 26.22 20.09 -9.89
C ALA B 276 25.89 19.70 -11.32
N GLN B 277 25.70 20.72 -12.17
CA GLN B 277 25.33 20.44 -13.56
C GLN B 277 26.48 19.78 -14.31
N ILE B 278 27.71 20.20 -14.01
CA ILE B 278 28.88 19.57 -14.58
C ILE B 278 28.97 18.09 -14.22
N VAL B 279 28.82 17.75 -12.94
CA VAL B 279 28.99 16.36 -12.52
C VAL B 279 27.89 15.45 -13.06
N LEU B 280 26.68 15.99 -13.19
CA LEU B 280 25.58 15.23 -13.79
C LEU B 280 25.82 15.05 -15.29
N ARG B 281 26.22 16.12 -15.98
CA ARG B 281 26.53 16.01 -17.40
C ARG B 281 27.63 14.99 -17.64
N PHE B 282 28.63 14.99 -16.75
CA PHE B 282 29.74 14.05 -16.85
C PHE B 282 29.23 12.62 -16.96
N ASN B 283 28.38 12.23 -16.01
CA ASN B 283 27.92 10.84 -16.03
C ASN B 283 26.97 10.52 -17.19
N ILE B 284 25.99 11.38 -17.47
CA ILE B 284 25.07 11.06 -18.57
C ILE B 284 25.81 10.99 -19.91
N GLN B 285 26.82 11.82 -20.08
CA GLN B 285 27.52 11.88 -21.36
C GLN B 285 28.26 10.58 -21.66
N ARG B 286 28.58 9.81 -20.61
CA ARG B 286 29.22 8.51 -20.81
C ARG B 286 28.25 7.34 -20.61
N GLY B 287 26.97 7.64 -20.64
CA GLY B 287 25.95 6.59 -20.67
C GLY B 287 25.59 6.04 -19.30
N VAL B 288 25.92 6.81 -18.27
CA VAL B 288 25.58 6.46 -16.90
C VAL B 288 24.34 7.23 -16.46
N VAL B 289 23.32 6.52 -16.00
CA VAL B 289 22.09 7.15 -15.54
C VAL B 289 22.36 7.88 -14.23
N VAL B 290 21.80 9.06 -14.05
CA VAL B 290 22.01 9.80 -12.79
C VAL B 290 20.68 10.03 -12.08
N ILE B 291 20.67 9.83 -10.76
CA ILE B 291 19.44 10.05 -9.98
C ILE B 291 19.61 11.05 -8.84
N PRO B 292 19.99 12.30 -9.16
CA PRO B 292 20.21 13.29 -8.11
C PRO B 292 18.93 13.53 -7.33
N LYS B 293 19.05 13.62 -6.01
CA LYS B 293 17.92 13.99 -5.16
C LYS B 293 17.95 15.47 -4.85
N SER B 294 16.82 16.12 -5.07
CA SER B 294 16.58 17.46 -4.52
C SER B 294 15.10 17.62 -4.20
N PHE B 295 14.82 18.18 -3.03
CA PHE B 295 13.46 18.55 -2.64
C PHE B 295 13.35 20.08 -2.66
N ASN B 296 14.24 20.72 -3.41
CA ASN B 296 14.23 22.17 -3.57
C ASN B 296 13.82 22.56 -4.98
N LEU B 297 12.81 23.42 -5.10
CA LEU B 297 12.26 23.79 -6.40
C LEU B 297 13.35 24.22 -7.40
N GLU B 298 14.21 25.14 -6.97
CA GLU B 298 15.22 25.69 -7.87
C GLU B 298 16.24 24.63 -8.27
N ARG B 299 16.67 23.80 -7.32
CA ARG B 299 17.70 22.81 -7.60
C ARG B 299 17.16 21.64 -8.42
N ILE B 300 15.89 21.28 -8.21
CA ILE B 300 15.26 20.28 -9.05
C ILE B 300 15.34 20.69 -10.52
N LYS B 301 14.99 21.94 -10.80
CA LYS B 301 15.06 22.45 -12.17
CA LYS B 301 15.06 22.46 -12.16
C LYS B 301 16.51 22.56 -12.64
N GLU B 302 17.39 23.05 -11.76
CA GLU B 302 18.80 23.19 -12.11
C GLU B 302 19.40 21.87 -12.58
N ASN B 303 19.16 20.82 -11.83
CA ASN B 303 19.76 19.53 -12.14
C ASN B 303 19.33 18.95 -13.49
N PHE B 304 18.19 19.41 -14.00
CA PHE B 304 17.64 18.89 -15.23
C PHE B 304 18.21 19.63 -16.45
N GLN B 305 18.78 20.80 -16.23
CA GLN B 305 19.31 21.61 -17.34
CA GLN B 305 19.30 21.61 -17.33
C GLN B 305 20.69 21.13 -17.75
N ILE B 306 20.76 19.89 -18.23
CA ILE B 306 22.05 19.31 -18.62
C ILE B 306 22.07 18.78 -20.05
N PHE B 307 21.14 19.25 -20.88
CA PHE B 307 21.05 18.79 -22.25
C PHE B 307 21.34 19.90 -23.25
N ASP B 308 21.67 21.09 -22.75
CA ASP B 308 21.93 22.24 -23.60
C ASP B 308 23.41 22.58 -23.70
N PHE B 309 24.26 21.68 -23.23
CA PHE B 309 25.69 21.80 -23.42
C PHE B 309 26.29 20.40 -23.37
N SER B 310 27.57 20.31 -23.68
CA SER B 310 28.29 19.06 -23.60
C SER B 310 29.69 19.36 -23.10
N LEU B 311 30.37 18.34 -22.60
CA LEU B 311 31.75 18.49 -22.15
C LEU B 311 32.65 18.01 -23.27
N THR B 312 33.77 18.69 -23.49
CA THR B 312 34.73 18.22 -24.48
C THR B 312 35.38 16.91 -24.02
N GLU B 313 36.00 16.21 -24.96
CA GLU B 313 36.74 14.99 -24.65
CA GLU B 313 36.70 14.99 -24.61
C GLU B 313 37.79 15.25 -23.58
N GLU B 314 38.45 16.40 -23.68
CA GLU B 314 39.46 16.77 -22.70
C GLU B 314 38.83 17.04 -21.34
N GLU B 315 37.68 17.71 -21.34
CA GLU B 315 36.98 17.97 -20.09
C GLU B 315 36.52 16.68 -19.40
N MET B 316 36.06 15.70 -20.20
CA MET B 316 35.70 14.41 -19.63
C MET B 316 36.90 13.78 -18.94
N LYS B 317 38.07 13.89 -19.56
CA LYS B 317 39.29 13.35 -18.97
C LYS B 317 39.70 14.13 -17.71
N ASP B 318 39.50 15.45 -17.72
CA ASP B 318 39.78 16.28 -16.55
C ASP B 318 38.99 15.77 -15.35
N ILE B 319 37.73 15.46 -15.61
CA ILE B 319 36.81 15.06 -14.54
C ILE B 319 37.10 13.64 -14.06
N GLU B 320 37.38 12.73 -15.00
CA GLU B 320 37.78 11.37 -14.66
CA GLU B 320 37.77 11.37 -14.63
C GLU B 320 38.98 11.39 -13.72
N ALA B 321 39.88 12.34 -13.94
CA ALA B 321 41.11 12.43 -13.15
C ALA B 321 40.88 12.85 -11.71
N LEU B 322 39.65 13.26 -11.39
CA LEU B 322 39.30 13.62 -10.03
C LEU B 322 39.05 12.40 -9.15
N ASN B 323 38.98 11.22 -9.77
CA ASN B 323 38.70 9.99 -9.03
C ASN B 323 39.64 9.79 -7.84
N LYS B 324 39.07 9.61 -6.64
CA LYS B 324 39.87 9.39 -5.44
C LYS B 324 39.83 7.94 -5.00
N ASN B 325 38.92 7.17 -5.59
CA ASN B 325 38.67 5.80 -5.15
CA ASN B 325 38.72 5.80 -5.15
C ASN B 325 38.35 5.75 -3.66
N VAL B 326 37.63 6.77 -3.20
CA VAL B 326 37.11 6.81 -1.83
C VAL B 326 35.59 6.95 -1.89
N ARG B 327 34.88 6.02 -1.27
CA ARG B 327 33.43 6.03 -1.24
C ARG B 327 32.89 6.95 -0.17
N PHE B 328 31.82 7.68 -0.51
CA PHE B 328 31.01 8.37 0.48
C PHE B 328 30.11 7.38 1.19
N VAL B 329 29.73 6.31 0.49
CA VAL B 329 28.81 5.34 1.08
C VAL B 329 29.53 4.01 1.28
N GLU B 330 30.03 3.80 2.50
CA GLU B 330 30.86 2.64 2.79
C GLU B 330 30.10 1.54 3.51
N LEU B 331 29.07 1.93 4.25
CA LEU B 331 28.25 1.01 5.02
C LEU B 331 29.12 0.08 5.87
N LEU B 332 30.05 0.67 6.62
CA LEU B 332 31.04 -0.08 7.38
C LEU B 332 30.46 -1.00 8.45
N MET B 333 29.27 -0.67 8.93
CA MET B 333 28.64 -1.49 9.97
C MET B 333 28.32 -2.90 9.46
N TRP B 334 28.24 -3.05 8.14
CA TRP B 334 27.91 -4.35 7.56
C TRP B 334 29.13 -5.02 6.93
N ARG B 335 30.31 -4.52 7.27
CA ARG B 335 31.53 -5.03 6.62
C ARG B 335 31.82 -6.50 6.96
N ASP B 336 31.16 -7.01 8.00
CA ASP B 336 31.35 -8.40 8.41
C ASP B 336 30.35 -9.34 7.76
N HIS B 337 29.45 -8.80 6.94
CA HIS B 337 28.51 -9.65 6.24
C HIS B 337 29.26 -10.39 5.16
N PRO B 338 29.01 -11.70 5.01
CA PRO B 338 29.73 -12.50 4.01
C PRO B 338 29.60 -11.92 2.60
N GLU B 339 28.48 -11.25 2.32
CA GLU B 339 28.29 -10.66 1.01
C GLU B 339 28.48 -9.14 0.99
N TYR B 340 29.18 -8.59 1.98
CA TYR B 340 29.52 -7.17 1.92
C TYR B 340 30.26 -6.93 0.61
N PRO B 341 29.77 -5.96 -0.19
CA PRO B 341 30.25 -5.85 -1.57
C PRO B 341 31.56 -5.11 -1.77
N PHE B 342 32.03 -4.35 -0.79
CA PHE B 342 33.11 -3.39 -1.03
C PHE B 342 34.53 -3.79 -0.60
N HIS B 343 34.70 -5.04 -0.15
CA HIS B 343 36.06 -5.56 0.09
C HIS B 343 36.80 -5.73 -1.23
N ASP B 344 36.13 -6.31 -2.22
CA ASP B 344 36.76 -6.59 -3.51
C ASP B 344 37.15 -5.29 -4.20
N GLU B 345 38.18 -5.36 -5.05
CA GLU B 345 38.61 -4.17 -5.77
C GLU B 345 37.44 -3.56 -6.50
N TYR B 346 36.64 -4.42 -7.13
CA TYR B 346 35.41 -3.98 -7.79
C TYR B 346 34.51 -5.19 -8.01
PA NAP C . -27.74 -10.92 10.63
O1A NAP C . -28.64 -9.93 10.01
O2A NAP C . -26.62 -11.32 9.56
O5B NAP C . -28.59 -12.22 11.07
C5B NAP C . -27.79 -13.16 11.76
C4B NAP C . -28.76 -14.16 12.39
O4B NAP C . -29.57 -14.72 11.33
C3B NAP C . -28.04 -15.35 13.06
O3B NAP C . -28.81 -15.75 14.19
C2B NAP C . -28.06 -16.46 11.99
O2B NAP C . -28.13 -17.71 12.69
C1B NAP C . -29.42 -16.15 11.31
N9A NAP C . -29.50 -16.53 9.90
C8A NAP C . -28.53 -16.40 8.95
N7A NAP C . -29.00 -16.77 7.79
C5A NAP C . -30.31 -17.13 7.93
C6A NAP C . -31.30 -17.59 7.06
N6A NAP C . -31.04 -17.76 5.71
N1A NAP C . -32.51 -17.84 7.56
C2A NAP C . -32.77 -17.68 8.85
N3A NAP C . -31.87 -17.24 9.70
C4A NAP C . -30.64 -16.97 9.29
O3 NAP C . -27.18 -10.29 12.03
PN NAP C . -25.64 -9.80 12.27
O1N NAP C . -25.74 -8.94 13.54
O2N NAP C . -24.74 -11.00 12.60
O5D NAP C . -25.02 -8.88 11.10
C5D NAP C . -24.17 -9.63 10.22
C4D NAP C . -22.71 -9.17 10.39
O4D NAP C . -22.62 -7.73 10.31
C3D NAP C . -22.21 -9.48 11.81
O3D NAP C . -21.90 -10.87 11.97
C2D NAP C . -20.95 -8.59 11.79
O2D NAP C . -19.96 -9.16 10.93
C1D NAP C . -21.50 -7.31 11.14
N1N NAP C . -21.97 -6.33 12.14
C2N NAP C . -21.35 -5.18 12.25
C3N NAP C . -21.81 -4.20 13.14
C7N NAP C . -21.10 -2.91 13.24
O7N NAP C . -21.27 -2.18 14.20
N7N NAP C . -20.26 -2.55 12.25
C4N NAP C . -22.95 -4.46 13.90
C5N NAP C . -23.57 -5.68 13.74
C6N NAP C . -23.06 -6.60 12.83
P2B NAP C . -27.17 -18.87 12.12
O1X NAP C . -25.74 -18.50 12.23
O2X NAP C . -27.47 -20.12 13.08
O3X NAP C . -27.56 -19.20 10.61
C1 AOM D . -22.03 -6.91 18.11
C10 AOM D . -21.53 -5.98 19.22
C11 AOM D . -22.38 -7.56 21.07
C12 AOM D . -23.13 -7.72 22.42
C13 AOM D . -22.71 -6.64 23.41
C14 AOM D . -23.01 -5.28 22.75
C15 AOM D . -23.07 -4.26 23.91
C16 AOM D . -23.39 -5.11 25.17
C17 AOM D . -23.58 -6.54 24.68
C18 AOM D . -21.23 -6.81 23.82
C19 AOM D . -20.06 -6.31 19.54
C2 AOM D . -21.19 -6.78 16.82
C3 AOM D . -21.05 -5.35 16.32
C4 AOM D . -20.79 -4.33 17.43
C5 AOM D . -21.68 -4.54 18.66
C6 AOM D . -21.42 -3.46 19.70
C7 AOM D . -22.29 -3.65 20.94
C8 AOM D . -22.11 -5.05 21.54
C9 AOM D . -22.42 -6.13 20.48
O3 AOM D . -20.00 -5.29 15.34
O17 AOM D . -23.27 -7.47 25.73
CL CL E . -9.75 -3.26 17.85
PA NAP F . 22.81 13.19 -3.99
O1A NAP F . 24.15 12.94 -4.53
O2A NAP F . 21.66 13.09 -5.08
O5B NAP F . 22.92 14.62 -3.27
C5B NAP F . 21.72 15.00 -2.60
C4B NAP F . 22.08 16.28 -1.83
O4B NAP F . 22.46 17.30 -2.77
C3B NAP F . 20.91 16.85 -1.03
O3B NAP F . 21.43 17.37 0.19
C2B NAP F . 20.34 17.99 -1.91
O2B NAP F . 19.82 19.02 -1.07
C1B NAP F . 21.65 18.48 -2.56
N9A NAP F . 21.44 19.07 -3.90
C8A NAP F . 20.69 18.57 -4.92
N7A NAP F . 20.85 19.29 -5.99
C5A NAP F . 21.75 20.29 -5.72
C6A NAP F . 22.31 21.34 -6.46
N6A NAP F . 21.99 21.49 -7.79
N1A NAP F . 23.17 22.14 -5.86
C2A NAP F . 23.51 21.96 -4.59
N3A NAP F . 23.01 20.99 -3.85
C4A NAP F . 22.14 20.15 -4.38
O3 NAP F . 22.66 12.15 -2.73
PN NAP F . 21.62 10.92 -2.59
O1N NAP F . 22.28 10.03 -1.53
O2N NAP F . 20.24 11.39 -2.14
O5D NAP F . 21.60 10.04 -3.94
C5D NAP F . 20.47 10.36 -4.77
C4D NAP F . 19.50 9.17 -4.79
O4D NAP F . 20.19 7.92 -5.05
C3D NAP F . 18.88 8.96 -3.40
O3D NAP F . 17.89 9.95 -3.12
C2D NAP F . 18.29 7.56 -3.63
O2D NAP F . 17.14 7.67 -4.45
C1D NAP F . 19.44 6.86 -4.41
N1N NAP F . 20.36 6.12 -3.53
C2N NAP F . 20.41 4.80 -3.63
C3N NAP F . 21.28 4.06 -2.83
C7N NAP F . 21.34 2.59 -2.95
O7N NAP F . 21.86 1.91 -2.09
N7N NAP F . 20.82 2.00 -4.05
C4N NAP F . 22.11 4.74 -1.94
C5N NAP F . 22.03 6.13 -1.88
C6N NAP F . 21.15 6.78 -2.71
P2B NAP F . 18.35 19.54 -1.53
O1X NAP F . 17.36 18.43 -1.56
O2X NAP F . 17.91 20.60 -0.40
O3X NAP F . 18.45 20.25 -2.95
C1 AOX G . 19.95 5.59 2.41
C2 AOX G . 19.36 5.23 1.05
C3 AOX G . 20.07 4.08 0.39
C4 AOX G . 20.42 2.92 1.29
C5 AOX G . 20.98 3.38 2.63
C6 AOX G . 21.39 2.20 3.51
C7 AOX G . 21.93 2.67 4.85
C8 AOX G . 20.93 3.55 5.57
C9 AOX G . 20.61 4.78 4.69
C10 AOX G . 20.00 4.36 3.32
C11 AOX G . 19.75 5.84 5.40
C12 AOX G . 20.35 6.27 6.75
C13 AOX G . 20.55 5.02 7.63
C14 AOX G . 21.49 4.06 6.89
C15 AOX G . 21.93 3.08 7.98
C16 AOX G . 22.15 4.01 9.20
C17 AOX G . 21.34 5.24 8.91
C18 AOX G . 19.22 4.40 8.07
C19 AOX G . 18.57 3.79 3.48
O3 AOX G . 19.26 3.57 -0.65
O17 AOX G . 21.38 6.27 9.53
CL CL H . 11.57 -3.74 0.81
CL CL I . 38.83 21.46 -23.75
CL CL J . 20.40 12.00 5.29
#